data_3CRX
#
_entry.id   3CRX
#
_cell.length_a   106.300
_cell.length_b   122.700
_cell.length_c   179.500
_cell.angle_alpha   90.00
_cell.angle_beta   90.00
_cell.angle_gamma   90.00
#
_symmetry.space_group_name_H-M   'C 2 2 21'
#
loop_
_entity.id
_entity.type
_entity.pdbx_description
1 polymer 'DNA 35-MER'
2 polymer 'DNA 35-MER'
3 polymer 'DNA 35-MER'
4 polymer 'DNA 35-MER'
5 polymer 'CRE RECOMBINASE'
6 water water
#
loop_
_entity_poly.entity_id
_entity_poly.type
_entity_poly.pdbx_seq_one_letter_code
_entity_poly.pdbx_strand_id
1 'polydeoxyribonucleotide'
;(DT)(DA)(DT)(DA)(DA)(DG)(DT)(DT)(DC)(DG)(DT)(DA)(DT)(DA)(DG)(DC)(DA)(DT)(DA)(DC)
(DA)(DT)(DT)(DA)(DT)(DA)(DC)(DG)(DA)(DA)(DT)(DT)(DT)(DA)(DT)
;
C
2 'polydeoxyribonucleotide'
;(DT)(DA)(DT)(DA)(DA)(DT)(DT)(DT)(DC)(DG)(DT)(DA)(DT)(DA)(DT)(DA)(DC)(DA)(DA)(DT)
(DG)(DC)(DT)(DA)(DT)(DA)(DC)(DG)(DA)(DA)(DC)(DT)(DT)(DA)(DT)
;
D
3 'polydeoxyribonucleotide'
;(DT)(DA)(DT)(DA)(DA)(DC)(DT)(DT)(DC)(DG)(DT)(DA)(DT)(DA)(DC)(DG)(DT)(DA)(DT)(DG)
(DT)(DA)(DT)(DA)(DT)(DA)(DC)(DG)(DA)(DA)(DA)(DT)(DT)(DA)(DT)
;
E
4 'polydeoxyribonucleotide'
;(DT)(DA)(DT)(DA)(DA)(DA)(DT)(DT)(DC)(DG)(DT)(DA)(DT)(DA)(DA)(DT)(DG)(DT)(DT)(DA)
(DC)(DG)(DT)(DA)(DT)(DA)(DC)(DG)(DA)(DA)(DG)(DT)(DT)(DA)(DT)
;
F
5 'polypeptide(L)'
;MSNLLTVHQNLPALPVDATSDEVRKNLMDMFRDRQAFSEHTWKMLLSVCRSWAAWCKLNNRKWFPAEPEDVRDYLLYLQA
RGLAVKTIQQHLGQLNMLHRRSGLPRPSDSNAVSLVMRRIRKENVDAGERAKQALAFERTDFDQVRSLMENSDRCQDIRN
LAFLGIAYNTLLKIAEIARIRVKDISRTDGGRMLIHIGRTKTLVSTAGVEKALSLGVTKLVERWISVSGVADDPNNYLFC
RVRKNGVAAPSATSQLSTRALEGIFEATHRLIYGAKDDSGQRYLAWSGHSARVGAARDMARAGVSIPEIMQAGGWTNVNI
VMNYIRNLDSETGAMVRLLEDGD
;
A,B
#
# COMPACT_ATOMS: atom_id res chain seq x y z
N THR E 19 23.19 28.01 -18.29
CA THR E 19 22.28 27.27 -17.43
C THR E 19 22.51 27.61 -15.96
N SER E 20 23.46 28.51 -15.68
CA SER E 20 23.76 28.91 -14.31
C SER E 20 22.50 29.41 -13.64
N ASP E 21 21.58 29.95 -14.44
CA ASP E 21 20.30 30.46 -13.93
C ASP E 21 19.31 29.30 -13.82
N GLU E 22 19.48 28.30 -14.70
CA GLU E 22 18.60 27.15 -14.69
C GLU E 22 18.87 26.30 -13.45
N VAL E 23 20.14 26.16 -13.09
CA VAL E 23 20.51 25.39 -11.91
C VAL E 23 20.03 26.16 -10.69
N ARG E 24 20.14 27.48 -10.77
CA ARG E 24 19.71 28.34 -9.67
C ARG E 24 18.23 28.11 -9.42
N LYS E 25 17.45 28.14 -10.49
CA LYS E 25 16.02 27.93 -10.39
C LYS E 25 15.72 26.53 -9.86
N ASN E 26 16.41 25.54 -10.41
CA ASN E 26 16.21 24.15 -10.00
C ASN E 26 16.43 23.94 -8.51
N LEU E 27 17.49 24.53 -7.97
CA LEU E 27 17.79 24.41 -6.55
C LEU E 27 16.71 25.15 -5.76
N MET E 28 16.15 26.20 -6.37
CA MET E 28 15.10 26.97 -5.72
C MET E 28 13.83 26.13 -5.73
N ASP E 29 13.73 25.26 -6.73
CA ASP E 29 12.59 24.36 -6.89
C ASP E 29 12.63 23.29 -5.81
N MET E 30 13.81 22.69 -5.64
CA MET E 30 14.01 21.64 -4.66
C MET E 30 13.73 22.11 -3.25
N PHE E 31 14.25 23.28 -2.90
CA PHE E 31 14.03 23.81 -1.56
C PHE E 31 12.59 24.26 -1.37
N ARG E 32 11.99 24.86 -2.41
CA ARG E 32 10.62 25.33 -2.32
C ARG E 32 9.69 24.19 -1.95
N ASP E 33 9.89 23.03 -2.57
CA ASP E 33 9.05 21.87 -2.29
C ASP E 33 9.83 20.79 -1.56
N ARG E 34 10.60 21.20 -0.55
CA ARG E 34 11.40 20.27 0.24
C ARG E 34 10.49 19.30 0.97
N GLN E 35 9.27 19.73 1.27
CA GLN E 35 8.31 18.87 1.98
C GLN E 35 7.94 17.66 1.14
N ALA E 36 8.49 17.61 -0.08
CA ALA E 36 8.23 16.50 -0.99
C ALA E 36 8.99 15.27 -0.53
N PHE E 37 9.91 15.47 0.41
CA PHE E 37 10.72 14.38 0.94
C PHE E 37 10.74 14.41 2.47
N SER E 38 11.00 13.26 3.08
CA SER E 38 11.05 13.14 4.53
C SER E 38 12.19 13.98 5.08
N GLU E 39 12.00 14.52 6.28
CA GLU E 39 13.03 15.34 6.91
C GLU E 39 14.30 14.51 7.12
N HIS E 40 14.14 13.23 7.39
CA HIS E 40 15.29 12.36 7.61
C HIS E 40 16.00 12.09 6.28
N THR E 41 15.22 12.05 5.21
CA THR E 41 15.78 11.82 3.89
C THR E 41 16.72 12.95 3.53
N TRP E 42 16.33 14.17 3.92
CA TRP E 42 17.13 15.37 3.66
C TRP E 42 18.42 15.34 4.48
N LYS E 43 18.31 14.87 5.72
CA LYS E 43 19.46 14.77 6.61
C LYS E 43 20.52 13.90 5.95
N MET E 44 20.07 12.82 5.33
CA MET E 44 20.97 11.91 4.64
C MET E 44 21.71 12.67 3.53
N LEU E 45 20.95 13.37 2.68
CA LEU E 45 21.54 14.13 1.58
C LEU E 45 22.54 15.16 2.08
N LEU E 46 22.22 15.80 3.20
CA LEU E 46 23.08 16.81 3.78
C LEU E 46 24.37 16.16 4.27
N SER E 47 24.24 14.97 4.83
CA SER E 47 25.39 14.24 5.33
C SER E 47 26.36 13.91 4.20
N VAL E 48 25.83 13.52 3.05
CA VAL E 48 26.66 13.20 1.90
C VAL E 48 27.35 14.45 1.38
N CYS E 49 26.56 15.49 1.12
CA CYS E 49 27.08 16.74 0.61
C CYS E 49 28.16 17.27 1.55
N ARG E 50 28.03 16.96 2.83
CA ARG E 50 28.99 17.40 3.82
C ARG E 50 30.30 16.66 3.66
N SER E 51 30.22 15.33 3.61
CA SER E 51 31.40 14.49 3.45
C SER E 51 32.07 14.69 2.10
N TRP E 52 31.26 14.85 1.07
CA TRP E 52 31.77 15.05 -0.28
C TRP E 52 32.51 16.38 -0.39
N ALA E 53 31.82 17.47 -0.05
CA ALA E 53 32.41 18.80 -0.12
C ALA E 53 33.71 18.86 0.68
N ALA E 54 33.70 18.28 1.87
CA ALA E 54 34.87 18.26 2.73
C ALA E 54 36.05 17.60 2.03
N TRP E 55 35.81 16.42 1.48
CA TRP E 55 36.85 15.66 0.78
C TRP E 55 37.41 16.52 -0.34
N CYS E 56 36.53 17.24 -1.02
CA CYS E 56 36.92 18.11 -2.12
C CYS E 56 37.83 19.22 -1.64
N LYS E 57 37.45 19.85 -0.53
CA LYS E 57 38.24 20.93 0.04
C LYS E 57 39.63 20.44 0.43
N LEU E 58 39.67 19.21 0.96
CA LEU E 58 40.93 18.61 1.40
C LEU E 58 41.80 18.16 0.23
N ASN E 59 41.18 17.90 -0.91
CA ASN E 59 41.91 17.44 -2.09
C ASN E 59 41.94 18.45 -3.23
N ASN E 60 41.30 19.59 -3.02
CA ASN E 60 41.26 20.64 -4.05
C ASN E 60 40.54 20.18 -5.31
N ARG E 61 39.22 20.01 -5.21
CA ARG E 61 38.42 19.58 -6.36
C ARG E 61 37.05 20.24 -6.31
N LYS E 62 36.61 20.77 -7.44
CA LYS E 62 35.29 21.41 -7.53
C LYS E 62 34.27 20.48 -6.90
N TRP E 63 33.47 21.00 -5.97
CA TRP E 63 32.48 20.17 -5.30
C TRP E 63 31.17 20.07 -6.07
N PHE E 64 30.75 21.16 -6.69
CA PHE E 64 29.52 21.16 -7.46
C PHE E 64 29.62 22.12 -8.65
N PRO E 65 29.43 21.61 -9.87
CA PRO E 65 29.13 20.20 -10.17
C PRO E 65 30.33 19.29 -10.02
N ALA E 66 30.07 18.02 -9.78
CA ALA E 66 31.12 17.02 -9.59
C ALA E 66 31.66 16.47 -10.91
N GLU E 67 32.98 16.27 -10.94
CA GLU E 67 33.65 15.75 -12.12
C GLU E 67 33.71 14.24 -11.97
N PRO E 68 33.54 13.50 -13.08
CA PRO E 68 33.59 12.04 -13.02
C PRO E 68 34.83 11.50 -12.30
N GLU E 69 36.00 11.90 -12.78
CA GLU E 69 37.25 11.45 -12.17
C GLU E 69 37.26 11.77 -10.68
N ASP E 70 36.71 12.93 -10.33
CA ASP E 70 36.63 13.35 -8.94
C ASP E 70 35.80 12.36 -8.13
N VAL E 71 34.58 12.12 -8.58
CA VAL E 71 33.68 11.19 -7.89
C VAL E 71 34.29 9.79 -7.87
N ARG E 72 35.12 9.48 -8.86
CA ARG E 72 35.75 8.18 -8.92
C ARG E 72 36.74 8.07 -7.77
N ASP E 73 37.57 9.10 -7.60
CA ASP E 73 38.56 9.12 -6.54
C ASP E 73 37.87 9.07 -5.18
N TYR E 74 36.79 9.83 -5.05
CA TYR E 74 36.01 9.88 -3.82
C TYR E 74 35.45 8.51 -3.47
N LEU E 75 34.87 7.85 -4.46
CA LEU E 75 34.30 6.52 -4.24
C LEU E 75 35.41 5.58 -3.79
N LEU E 76 36.53 5.62 -4.50
CA LEU E 76 37.67 4.77 -4.17
C LEU E 76 38.17 5.09 -2.76
N TYR E 77 37.87 6.30 -2.30
CA TYR E 77 38.28 6.73 -0.97
C TYR E 77 37.37 6.10 0.08
N LEU E 78 36.07 6.17 -0.14
CA LEU E 78 35.10 5.60 0.79
C LEU E 78 35.38 4.13 0.99
N GLN E 79 35.78 3.45 -0.08
CA GLN E 79 36.07 2.03 0.00
C GLN E 79 37.18 1.79 1.01
N ALA E 80 38.22 2.62 0.93
CA ALA E 80 39.35 2.51 1.84
C ALA E 80 38.87 2.78 3.26
N ARG E 81 37.97 3.74 3.41
CA ARG E 81 37.43 4.08 4.72
C ARG E 81 36.78 2.84 5.31
N GLY E 82 36.61 1.82 4.48
CA GLY E 82 36.02 0.57 4.95
C GLY E 82 34.51 0.54 4.94
N LEU E 83 33.91 1.46 4.20
CA LEU E 83 32.45 1.53 4.12
C LEU E 83 31.90 0.44 3.20
N ALA E 84 30.81 -0.18 3.62
CA ALA E 84 30.17 -1.24 2.84
C ALA E 84 29.69 -0.70 1.49
N VAL E 85 29.36 -1.61 0.57
CA VAL E 85 28.90 -1.21 -0.75
C VAL E 85 27.60 -0.43 -0.68
N LYS E 86 26.67 -0.92 0.12
CA LYS E 86 25.36 -0.28 0.28
C LYS E 86 25.52 1.21 0.61
N THR E 87 26.50 1.52 1.43
CA THR E 87 26.74 2.91 1.84
C THR E 87 27.37 3.72 0.70
N ILE E 88 28.38 3.14 0.06
CA ILE E 88 29.06 3.82 -1.04
C ILE E 88 28.07 4.11 -2.16
N GLN E 89 27.13 3.19 -2.37
CA GLN E 89 26.13 3.36 -3.41
C GLN E 89 25.22 4.51 -3.03
N GLN E 90 24.83 4.57 -1.76
CA GLN E 90 23.97 5.62 -1.27
C GLN E 90 24.63 6.98 -1.50
N HIS E 91 25.91 7.06 -1.17
CA HIS E 91 26.65 8.31 -1.37
C HIS E 91 26.54 8.75 -2.82
N LEU E 92 26.79 7.80 -3.73
CA LEU E 92 26.73 8.10 -5.16
C LEU E 92 25.32 8.48 -5.55
N GLY E 93 24.35 7.72 -5.04
CA GLY E 93 22.96 7.97 -5.34
C GLY E 93 22.54 9.39 -5.04
N GLN E 94 22.83 9.86 -3.84
CA GLN E 94 22.48 11.22 -3.45
C GLN E 94 23.12 12.22 -4.40
N LEU E 95 24.37 11.95 -4.78
CA LEU E 95 25.10 12.81 -5.69
C LEU E 95 24.43 12.82 -7.07
N ASN E 96 23.99 11.65 -7.51
CA ASN E 96 23.32 11.52 -8.80
C ASN E 96 22.08 12.38 -8.86
N MET E 97 21.15 12.16 -7.94
CA MET E 97 19.91 12.92 -7.90
C MET E 97 20.17 14.41 -7.78
N LEU E 98 21.14 14.78 -6.95
CA LEU E 98 21.49 16.18 -6.75
C LEU E 98 21.76 16.84 -8.09
N HIS E 99 22.44 16.13 -8.98
CA HIS E 99 22.78 16.65 -10.29
C HIS E 99 21.62 16.55 -11.27
N ARG E 100 20.95 15.40 -11.27
CA ARG E 100 19.81 15.19 -12.16
C ARG E 100 18.77 16.29 -11.92
N ARG E 101 18.38 16.45 -10.67
CA ARG E 101 17.38 17.46 -10.30
C ARG E 101 17.96 18.87 -10.42
N SER E 102 19.26 18.96 -10.67
CA SER E 102 19.92 20.25 -10.83
C SER E 102 20.00 20.59 -12.31
N GLY E 103 19.68 19.61 -13.15
CA GLY E 103 19.72 19.81 -14.58
C GLY E 103 21.10 19.53 -15.13
N LEU E 104 22.02 19.19 -14.23
CA LEU E 104 23.39 18.89 -14.60
C LEU E 104 23.57 17.38 -14.81
N PRO E 105 24.70 16.98 -15.43
CA PRO E 105 24.94 15.55 -15.66
C PRO E 105 25.27 14.80 -14.37
N ARG E 106 24.72 13.60 -14.24
CA ARG E 106 24.95 12.78 -13.05
C ARG E 106 26.27 12.04 -13.15
N PRO E 107 27.02 11.99 -12.04
CA PRO E 107 28.32 11.30 -12.04
C PRO E 107 28.23 9.85 -12.49
N SER E 108 27.11 9.19 -12.17
CA SER E 108 26.92 7.81 -12.55
C SER E 108 26.74 7.66 -14.06
N ASP E 109 26.63 8.79 -14.75
CA ASP E 109 26.45 8.80 -16.19
C ASP E 109 27.79 8.70 -16.93
N SER E 110 28.89 8.78 -16.18
CA SER E 110 30.21 8.68 -16.78
C SER E 110 30.74 7.26 -16.68
N ASN E 111 31.47 6.85 -17.70
CA ASN E 111 32.06 5.51 -17.74
C ASN E 111 33.00 5.30 -16.57
N ALA E 112 33.75 6.34 -16.21
CA ALA E 112 34.70 6.27 -15.10
C ALA E 112 34.03 5.83 -13.79
N VAL E 113 32.96 6.52 -13.41
CA VAL E 113 32.25 6.22 -12.18
C VAL E 113 31.52 4.88 -12.25
N SER E 114 30.91 4.61 -13.40
CA SER E 114 30.17 3.37 -13.60
C SER E 114 31.12 2.19 -13.42
N LEU E 115 32.32 2.32 -13.96
CA LEU E 115 33.32 1.27 -13.88
C LEU E 115 33.84 1.10 -12.45
N VAL E 116 34.07 2.21 -11.76
CA VAL E 116 34.58 2.16 -10.40
C VAL E 116 33.58 1.54 -9.42
N MET E 117 32.30 1.84 -9.60
CA MET E 117 31.27 1.30 -8.72
C MET E 117 31.21 -0.22 -8.90
N ARG E 118 31.33 -0.68 -10.14
CA ARG E 118 31.30 -2.11 -10.42
C ARG E 118 32.51 -2.80 -9.82
N ARG E 119 33.65 -2.13 -9.87
CA ARG E 119 34.89 -2.67 -9.32
C ARG E 119 34.78 -2.81 -7.81
N ILE E 120 34.27 -1.77 -7.16
CA ILE E 120 34.11 -1.78 -5.70
C ILE E 120 33.15 -2.87 -5.25
N ARG E 121 31.95 -2.91 -5.85
CA ARG E 121 30.97 -3.91 -5.48
C ARG E 121 31.49 -5.33 -5.64
N LYS E 122 32.19 -5.58 -6.74
CA LYS E 122 32.76 -6.90 -7.01
C LYS E 122 33.85 -7.25 -6.00
N GLU E 123 34.82 -6.34 -5.86
CA GLU E 123 35.92 -6.55 -4.93
C GLU E 123 35.42 -6.83 -3.52
N ASN E 124 34.75 -5.84 -2.92
CA ASN E 124 34.22 -5.96 -1.58
C ASN E 124 33.46 -7.26 -1.35
N VAL E 125 32.67 -7.66 -2.33
CA VAL E 125 31.89 -8.89 -2.22
C VAL E 125 32.82 -10.10 -2.16
N ASP E 126 33.89 -10.07 -2.94
CA ASP E 126 34.85 -11.16 -2.97
C ASP E 126 35.76 -11.14 -1.75
N ALA E 127 35.93 -9.95 -1.17
CA ALA E 127 36.77 -9.80 0.01
C ALA E 127 36.07 -10.32 1.25
N GLY E 128 34.85 -10.79 1.07
CA GLY E 128 34.09 -11.33 2.18
C GLY E 128 33.31 -10.25 2.93
N GLU E 129 32.37 -9.61 2.24
CA GLU E 129 31.56 -8.57 2.84
C GLU E 129 30.20 -9.13 3.23
N ARG E 130 30.02 -9.36 4.52
CA ARG E 130 28.76 -9.89 5.02
C ARG E 130 27.85 -8.76 5.47
N ALA E 131 26.55 -8.94 5.27
CA ALA E 131 25.57 -7.92 5.66
C ALA E 131 25.58 -7.78 7.18
N LYS E 132 24.59 -7.08 7.72
CA LYS E 132 24.51 -6.88 9.16
C LYS E 132 23.32 -7.59 9.77
N GLN E 133 23.59 -8.67 10.51
CA GLN E 133 22.55 -9.46 11.15
C GLN E 133 22.17 -8.85 12.49
N ALA E 134 20.93 -9.06 12.90
CA ALA E 134 20.44 -8.51 14.17
C ALA E 134 20.25 -9.62 15.19
N LEU E 135 20.51 -9.31 16.46
CA LEU E 135 20.36 -10.28 17.52
C LEU E 135 18.87 -10.54 17.75
N ALA E 136 18.54 -11.80 18.02
CA ALA E 136 17.15 -12.18 18.23
C ALA E 136 16.68 -12.15 19.68
N PHE E 137 15.47 -11.66 19.88
CA PHE E 137 14.86 -11.58 21.20
C PHE E 137 13.66 -12.52 21.15
N GLU E 138 13.87 -13.77 21.55
CA GLU E 138 12.82 -14.77 21.52
C GLU E 138 12.21 -15.03 22.90
N ARG E 139 11.22 -15.91 22.93
CA ARG E 139 10.52 -16.25 24.16
C ARG E 139 11.46 -16.67 25.28
N THR E 140 12.57 -17.32 24.92
CA THR E 140 13.55 -17.75 25.90
C THR E 140 14.20 -16.56 26.58
N ASP E 141 14.38 -15.48 25.82
CA ASP E 141 14.98 -14.26 26.33
C ASP E 141 13.93 -13.42 27.06
N PHE E 142 12.73 -13.42 26.51
CA PHE E 142 11.63 -12.65 27.09
C PHE E 142 11.15 -13.30 28.38
N ASP E 143 11.31 -14.62 28.49
CA ASP E 143 10.89 -15.35 29.68
C ASP E 143 11.94 -15.24 30.78
N GLN E 144 13.20 -15.16 30.37
CA GLN E 144 14.30 -15.05 31.32
C GLN E 144 14.21 -13.66 31.94
N VAL E 145 13.89 -12.68 31.09
CA VAL E 145 13.76 -11.30 31.54
C VAL E 145 12.49 -11.20 32.37
N ARG E 146 11.42 -11.80 31.88
CA ARG E 146 10.12 -11.78 32.56
C ARG E 146 10.24 -12.35 33.96
N SER E 147 11.40 -12.92 34.28
CA SER E 147 11.63 -13.48 35.60
C SER E 147 12.43 -12.51 36.44
N LEU E 148 13.42 -11.87 35.82
CA LEU E 148 14.28 -10.92 36.51
C LEU E 148 13.58 -9.62 36.89
N MET E 149 13.01 -8.94 35.90
CA MET E 149 12.34 -7.66 36.15
C MET E 149 10.82 -7.74 36.24
N GLU E 150 10.29 -8.84 36.76
CA GLU E 150 8.84 -8.98 36.88
C GLU E 150 8.39 -8.64 38.29
N ASN E 151 9.28 -8.82 39.25
CA ASN E 151 8.98 -8.56 40.65
C ASN E 151 9.43 -7.18 41.11
N SER E 152 10.33 -6.56 40.34
CA SER E 152 10.83 -5.24 40.70
C SER E 152 9.71 -4.22 40.76
N ASP E 153 9.76 -3.37 41.79
CA ASP E 153 8.75 -2.34 41.98
C ASP E 153 9.16 -1.06 41.26
N ARG E 154 10.35 -1.06 40.68
CA ARG E 154 10.85 0.11 39.97
C ARG E 154 10.02 0.42 38.74
N CYS E 155 9.56 1.67 38.65
CA CYS E 155 8.75 2.11 37.52
C CYS E 155 9.45 1.81 36.20
N GLN E 156 10.74 2.07 36.16
CA GLN E 156 11.53 1.82 34.97
C GLN E 156 11.35 0.37 34.54
N ASP E 157 11.58 -0.56 35.46
CA ASP E 157 11.44 -1.98 35.18
C ASP E 157 10.04 -2.36 34.71
N ILE E 158 9.03 -1.76 35.33
CA ILE E 158 7.65 -2.05 34.96
C ILE E 158 7.34 -1.62 33.53
N ARG E 159 7.92 -0.50 33.10
CA ARG E 159 7.71 0.01 31.75
C ARG E 159 8.48 -0.81 30.73
N ASN E 160 9.77 -1.03 31.00
CA ASN E 160 10.63 -1.80 30.11
C ASN E 160 10.01 -3.14 29.74
N LEU E 161 9.48 -3.83 30.74
CA LEU E 161 8.86 -5.13 30.54
C LEU E 161 7.62 -5.00 29.65
N ALA E 162 6.81 -3.98 29.92
CA ALA E 162 5.61 -3.73 29.14
C ALA E 162 6.00 -3.54 27.69
N PHE E 163 7.01 -2.72 27.47
CA PHE E 163 7.49 -2.43 26.13
C PHE E 163 8.01 -3.71 25.48
N LEU E 164 8.78 -4.48 26.24
CA LEU E 164 9.34 -5.72 25.72
C LEU E 164 8.21 -6.70 25.40
N GLY E 165 7.06 -6.47 26.00
CA GLY E 165 5.92 -7.33 25.75
C GLY E 165 5.24 -6.97 24.45
N ILE E 166 4.78 -5.72 24.35
CA ILE E 166 4.12 -5.25 23.14
C ILE E 166 4.96 -5.61 21.92
N ALA E 167 6.24 -5.22 21.96
CA ALA E 167 7.14 -5.51 20.86
C ALA E 167 7.08 -6.97 20.43
N TYR E 168 7.66 -7.85 21.23
CA TYR E 168 7.68 -9.28 20.92
C TYR E 168 6.33 -9.84 20.50
N ASN E 169 5.29 -9.49 21.24
CA ASN E 169 3.94 -9.98 20.98
C ASN E 169 3.24 -9.35 19.77
N THR E 170 3.72 -8.18 19.33
CA THR E 170 3.08 -7.52 18.20
C THR E 170 3.97 -7.29 16.98
N LEU E 171 5.22 -7.72 17.05
CA LEU E 171 6.13 -7.54 15.92
C LEU E 171 6.12 -6.10 15.44
N LEU E 172 5.50 -5.21 16.21
CA LEU E 172 5.42 -3.81 15.84
C LEU E 172 6.79 -3.15 15.70
N LYS E 173 6.87 -2.11 14.88
CA LYS E 173 8.13 -1.39 14.69
C LYS E 173 8.30 -0.46 15.88
N ILE E 174 9.51 0.05 16.08
CA ILE E 174 9.76 0.95 17.22
C ILE E 174 8.96 2.24 17.09
N ALA E 175 9.26 3.04 16.08
CA ALA E 175 8.57 4.30 15.85
C ALA E 175 7.05 4.15 15.99
N GLU E 176 6.56 2.96 15.68
CA GLU E 176 5.14 2.67 15.77
C GLU E 176 4.70 2.56 17.22
N ILE E 177 5.50 1.87 18.03
CA ILE E 177 5.17 1.71 19.44
C ILE E 177 5.32 3.04 20.16
N ALA E 178 6.15 3.92 19.60
CA ALA E 178 6.38 5.23 20.18
C ALA E 178 5.20 6.18 19.98
N ARG E 179 4.53 6.07 18.84
CA ARG E 179 3.39 6.93 18.55
C ARG E 179 2.11 6.45 19.22
N ILE E 180 2.11 5.21 19.69
CA ILE E 180 0.93 4.64 20.35
C ILE E 180 0.44 5.55 21.48
N ARG E 181 -0.87 5.70 21.58
CA ARG E 181 -1.49 6.50 22.61
C ARG E 181 -2.42 5.61 23.42
N VAL E 182 -2.73 6.02 24.65
CA VAL E 182 -3.59 5.25 25.53
C VAL E 182 -4.92 4.87 24.87
N LYS E 183 -5.56 5.86 24.25
CA LYS E 183 -6.84 5.63 23.59
C LYS E 183 -6.69 4.64 22.44
N ASP E 184 -5.55 4.65 21.78
CA ASP E 184 -5.28 3.76 20.66
C ASP E 184 -5.38 2.30 21.11
N ILE E 185 -5.50 2.11 22.41
CA ILE E 185 -5.60 0.78 22.99
C ILE E 185 -6.99 0.54 23.56
N SER E 186 -7.64 -0.48 23.01
CA SER E 186 -8.98 -0.89 23.44
C SER E 186 -8.89 -2.25 24.15
N ARG E 187 -10.03 -2.71 24.63
CA ARG E 187 -10.12 -3.99 25.36
C ARG E 187 -11.22 -4.87 24.75
N THR E 188 -10.89 -6.12 24.51
CA THR E 188 -11.86 -7.09 23.94
C THR E 188 -11.24 -8.49 23.85
N ASP E 189 -12.05 -9.41 23.34
CA ASP E 189 -11.64 -10.82 23.17
C ASP E 189 -11.21 -11.45 24.49
N GLY E 190 -11.94 -11.12 25.54
CA GLY E 190 -11.67 -11.67 26.88
C GLY E 190 -10.87 -10.67 27.74
N GLY E 191 -10.08 -11.21 28.63
CA GLY E 191 -9.26 -10.41 29.54
C GLY E 191 -8.01 -9.93 28.85
N ARG E 192 -7.99 -10.04 27.51
CA ARG E 192 -6.86 -9.61 26.71
C ARG E 192 -6.98 -8.14 26.35
N MET E 193 -6.01 -7.62 25.60
CA MET E 193 -6.00 -6.23 25.20
C MET E 193 -5.96 -6.07 23.69
N LEU E 194 -6.29 -4.87 23.21
CA LEU E 194 -6.30 -4.58 21.79
C LEU E 194 -5.61 -3.25 21.52
N ILE E 195 -4.89 -3.17 20.41
CA ILE E 195 -4.20 -1.94 20.04
C ILE E 195 -4.15 -1.82 18.52
N HIS E 196 -4.54 -0.66 18.02
CA HIS E 196 -4.54 -0.42 16.59
C HIS E 196 -3.71 0.83 16.27
N ILE E 197 -2.77 0.69 15.35
CA ILE E 197 -1.89 1.78 14.96
C ILE E 197 -2.02 2.16 13.49
N GLY E 198 -0.98 2.77 12.94
CA GLY E 198 -0.99 3.17 11.55
C GLY E 198 -0.45 2.06 10.66
N ARG E 199 0.86 1.84 10.71
CA ARG E 199 1.49 0.79 9.91
C ARG E 199 1.09 0.85 8.43
N THR E 200 1.83 1.69 7.68
CA THR E 200 1.67 1.94 6.23
C THR E 200 1.19 3.38 6.04
N LYS E 201 1.29 3.90 4.81
CA LYS E 201 0.85 5.27 4.52
C LYS E 201 1.29 5.94 3.20
N THR E 202 0.54 5.68 2.13
CA THR E 202 0.76 6.27 0.80
C THR E 202 -0.47 5.91 -0.05
N LEU E 203 -1.64 6.32 0.41
CA LEU E 203 -2.90 6.03 -0.27
C LEU E 203 -3.20 4.55 -0.07
N VAL E 204 -2.45 3.70 -0.76
CA VAL E 204 -2.63 2.27 -0.62
C VAL E 204 -1.98 1.85 0.70
N SER E 205 -2.81 1.36 1.59
CA SER E 205 -2.37 0.93 2.93
C SER E 205 -3.58 0.47 3.73
N THR E 206 -3.33 0.05 4.95
CA THR E 206 -4.41 -0.40 5.83
C THR E 206 -4.55 0.56 7.00
N ALA E 207 -5.34 1.59 6.75
CA ALA E 207 -5.59 2.61 7.77
C ALA E 207 -4.91 2.13 9.02
N GLY E 208 -5.36 0.98 9.44
CA GLY E 208 -4.79 0.40 10.63
C GLY E 208 -5.21 -1.02 10.84
N VAL E 209 -4.39 -1.63 11.64
CA VAL E 209 -4.59 -3.00 11.99
C VAL E 209 -5.03 -3.08 13.43
N GLU E 210 -4.71 -4.20 14.04
CA GLU E 210 -5.13 -4.38 15.40
C GLU E 210 -4.40 -5.47 16.16
N LYS E 211 -3.13 -5.25 16.46
CA LYS E 211 -2.37 -6.24 17.20
C LYS E 211 -3.03 -6.40 18.57
N ALA E 212 -3.17 -7.64 19.02
CA ALA E 212 -3.81 -7.91 20.30
C ALA E 212 -2.87 -8.65 21.26
N LEU E 213 -2.57 -8.01 22.39
CA LEU E 213 -1.69 -8.60 23.39
C LEU E 213 -2.33 -9.83 24.02
N SER E 214 -1.51 -10.79 24.41
CA SER E 214 -2.01 -12.00 25.04
C SER E 214 -2.44 -11.70 26.47
N LEU E 215 -2.75 -12.76 27.22
CA LEU E 215 -3.16 -12.61 28.61
C LEU E 215 -1.94 -12.28 29.44
N GLY E 216 -0.83 -12.94 29.12
CA GLY E 216 0.41 -12.71 29.84
C GLY E 216 1.28 -11.63 29.24
N VAL E 217 0.68 -10.46 28.99
CA VAL E 217 1.38 -9.31 28.43
C VAL E 217 0.52 -8.10 28.75
N THR E 218 -0.79 -8.32 28.75
CA THR E 218 -1.74 -7.26 29.05
C THR E 218 -1.61 -6.89 30.52
N LYS E 219 -1.33 -7.89 31.35
CA LYS E 219 -1.16 -7.68 32.78
C LYS E 219 0.15 -6.96 33.06
N LEU E 220 1.02 -6.91 32.06
CA LEU E 220 2.30 -6.23 32.20
C LEU E 220 2.13 -4.79 31.74
N VAL E 221 1.24 -4.59 30.76
CA VAL E 221 0.98 -3.26 30.22
C VAL E 221 0.05 -2.47 31.15
N GLU E 222 -0.72 -3.19 31.95
CA GLU E 222 -1.64 -2.56 32.89
C GLU E 222 -0.89 -2.15 34.15
N ARG E 223 0.07 -2.98 34.54
CA ARG E 223 0.89 -2.70 35.72
C ARG E 223 1.76 -1.48 35.46
N TRP E 224 1.84 -1.09 34.19
CA TRP E 224 2.63 0.07 33.80
C TRP E 224 1.76 1.32 33.75
N ILE E 225 0.57 1.19 33.18
CA ILE E 225 -0.36 2.32 33.06
C ILE E 225 -0.89 2.75 34.43
N SER E 226 -0.94 1.80 35.36
CA SER E 226 -1.43 2.10 36.71
C SER E 226 -0.37 2.82 37.54
N VAL E 227 0.89 2.47 37.31
CA VAL E 227 1.99 3.08 38.04
C VAL E 227 2.52 4.32 37.32
N SER E 228 2.25 4.41 36.02
CA SER E 228 2.69 5.53 35.21
C SER E 228 1.62 6.62 35.20
N GLY E 229 0.36 6.19 35.16
CA GLY E 229 -0.75 7.14 35.14
C GLY E 229 -1.06 7.70 33.77
N VAL E 230 -0.60 7.02 32.71
CA VAL E 230 -0.85 7.47 31.36
C VAL E 230 -2.35 7.50 31.06
N ALA E 231 -3.14 6.91 31.95
CA ALA E 231 -4.58 6.85 31.79
C ALA E 231 -5.27 8.17 32.14
N ASP E 232 -4.49 9.13 32.65
CA ASP E 232 -5.04 10.43 33.02
C ASP E 232 -5.27 11.32 31.80
N ASP E 233 -5.31 10.69 30.62
CA ASP E 233 -5.53 11.40 29.37
C ASP E 233 -5.34 10.45 28.20
N PRO E 234 -6.46 10.03 27.57
CA PRO E 234 -6.41 9.10 26.44
C PRO E 234 -5.45 9.53 25.33
N ASN E 235 -5.16 10.83 25.27
CA ASN E 235 -4.25 11.37 24.27
C ASN E 235 -2.81 11.00 24.60
N ASN E 236 -2.50 10.97 25.90
CA ASN E 236 -1.15 10.64 26.37
C ASN E 236 -0.65 9.34 25.77
N TYR E 237 0.59 9.35 25.27
CA TYR E 237 1.17 8.16 24.69
C TYR E 237 1.28 7.08 25.75
N LEU E 238 1.16 5.83 25.33
CA LEU E 238 1.26 4.71 26.25
C LEU E 238 2.56 4.75 27.04
N PHE E 239 3.67 4.90 26.32
CA PHE E 239 4.99 4.95 26.94
C PHE E 239 5.50 6.38 27.02
N CYS E 240 6.03 6.74 28.18
CA CYS E 240 6.54 8.07 28.40
C CYS E 240 7.92 8.01 29.04
N ARG E 241 8.34 9.12 29.63
CA ARG E 241 9.63 9.21 30.27
C ARG E 241 9.56 8.76 31.73
N VAL E 242 10.72 8.42 32.28
CA VAL E 242 10.82 7.96 33.66
C VAL E 242 12.17 8.40 34.22
N ARG E 243 12.19 9.54 34.90
CA ARG E 243 13.41 10.09 35.48
C ARG E 243 14.04 9.21 36.56
N LYS E 244 15.21 9.63 37.05
CA LYS E 244 15.93 8.89 38.07
C LYS E 244 15.15 8.75 39.38
N ASN E 245 14.26 9.70 39.64
CA ASN E 245 13.46 9.68 40.86
C ASN E 245 12.46 8.52 40.83
N GLY E 246 12.20 8.00 39.64
CA GLY E 246 11.26 6.90 39.50
C GLY E 246 9.86 7.37 39.16
N VAL E 247 9.73 8.64 38.81
CA VAL E 247 8.44 9.21 38.46
C VAL E 247 8.28 9.33 36.95
N ALA E 248 7.17 8.79 36.44
CA ALA E 248 6.88 8.83 35.01
C ALA E 248 6.46 10.23 34.59
N ALA E 249 6.56 10.51 33.30
CA ALA E 249 6.19 11.82 32.77
C ALA E 249 5.21 11.69 31.60
N PRO E 250 3.97 11.26 31.88
CA PRO E 250 2.95 11.09 30.83
C PRO E 250 2.85 12.33 29.94
N SER E 251 2.83 12.12 28.63
CA SER E 251 2.74 13.24 27.70
C SER E 251 2.01 12.86 26.42
N ALA E 252 1.10 13.73 26.01
CA ALA E 252 0.32 13.52 24.80
C ALA E 252 0.83 14.43 23.69
N THR E 253 1.93 15.12 23.98
CA THR E 253 2.52 16.03 23.02
C THR E 253 3.87 15.52 22.52
N SER E 254 4.61 14.86 23.41
CA SER E 254 5.91 14.32 23.05
C SER E 254 5.98 12.82 23.32
N GLN E 255 6.56 12.09 22.37
CA GLN E 255 6.71 10.65 22.49
C GLN E 255 8.14 10.25 22.80
N LEU E 256 8.31 9.02 23.28
CA LEU E 256 9.63 8.52 23.60
C LEU E 256 10.43 8.36 22.31
N SER E 257 11.63 8.91 22.28
CA SER E 257 12.48 8.82 21.10
C SER E 257 12.77 7.35 20.80
N THR E 258 12.83 7.01 19.51
CA THR E 258 13.11 5.65 19.10
C THR E 258 14.42 5.22 19.72
N ARG E 259 15.36 6.16 19.79
CA ARG E 259 16.67 5.87 20.37
C ARG E 259 16.48 5.30 21.78
N ALA E 260 15.62 5.95 22.57
CA ALA E 260 15.36 5.52 23.93
C ALA E 260 14.86 4.08 23.96
N LEU E 261 13.88 3.79 23.11
CA LEU E 261 13.32 2.44 23.03
C LEU E 261 14.39 1.45 22.64
N GLU E 262 15.30 1.86 21.76
CA GLU E 262 16.39 0.99 21.33
C GLU E 262 17.25 0.71 22.55
N GLY E 263 17.48 1.75 23.34
CA GLY E 263 18.30 1.62 24.54
C GLY E 263 17.71 0.62 25.51
N ILE E 264 16.39 0.53 25.56
CA ILE E 264 15.73 -0.40 26.46
C ILE E 264 16.15 -1.82 26.07
N PHE E 265 16.45 -2.01 24.80
CA PHE E 265 16.87 -3.31 24.29
C PHE E 265 18.32 -3.60 24.69
N GLU E 266 19.20 -2.63 24.44
CA GLU E 266 20.60 -2.78 24.77
C GLU E 266 20.80 -2.95 26.27
N ALA E 267 20.12 -2.13 27.06
CA ALA E 267 20.20 -2.19 28.52
C ALA E 267 19.74 -3.53 29.06
N THR E 268 18.58 -3.99 28.59
CA THR E 268 18.05 -5.27 29.03
C THR E 268 19.08 -6.34 28.75
N HIS E 269 19.64 -6.29 27.54
CA HIS E 269 20.66 -7.25 27.14
C HIS E 269 21.89 -7.09 28.04
N ARG E 270 22.13 -5.87 28.51
CA ARG E 270 23.27 -5.61 29.38
C ARG E 270 23.04 -6.21 30.77
N LEU E 271 21.83 -6.03 31.29
CA LEU E 271 21.48 -6.55 32.60
C LEU E 271 21.69 -8.06 32.66
N ILE E 272 21.82 -8.69 31.50
CA ILE E 272 21.99 -10.14 31.45
C ILE E 272 23.33 -10.67 30.93
N TYR E 273 23.72 -10.29 29.71
CA TYR E 273 24.96 -10.80 29.13
C TYR E 273 26.17 -9.86 29.25
N GLY E 274 26.36 -9.27 30.43
CA GLY E 274 27.48 -8.39 30.62
C GLY E 274 27.29 -7.03 29.98
N ALA E 275 28.33 -6.54 29.31
CA ALA E 275 28.26 -5.24 28.67
C ALA E 275 29.05 -5.20 27.36
N LYS E 276 28.32 -5.25 26.25
CA LYS E 276 28.89 -5.19 24.91
C LYS E 276 30.27 -5.85 24.80
N ASP E 277 31.07 -5.33 23.87
CA ASP E 277 32.41 -5.83 23.64
C ASP E 277 33.29 -4.68 23.12
N ASP E 278 34.59 -4.91 23.20
CA ASP E 278 35.58 -3.90 22.78
C ASP E 278 35.41 -3.50 21.30
N SER E 279 35.67 -4.44 20.42
CA SER E 279 35.54 -4.21 18.96
C SER E 279 34.12 -3.66 18.64
N GLY E 280 34.09 -2.51 17.97
CA GLY E 280 32.83 -1.86 17.52
C GLY E 280 32.37 -2.55 16.24
N GLN E 281 32.03 -3.79 16.43
CA GLN E 281 31.72 -4.73 15.36
C GLN E 281 30.24 -4.71 14.96
N ARG E 282 29.51 -3.96 15.68
CA ARG E 282 28.14 -3.66 15.36
C ARG E 282 27.07 -4.74 15.40
N TYR E 283 26.80 -5.35 16.46
CA TYR E 283 25.39 -5.96 16.51
C TYR E 283 25.42 -6.97 17.57
N LEU E 284 25.89 -6.47 18.68
CA LEU E 284 26.19 -7.32 19.83
C LEU E 284 25.00 -7.51 20.76
N ALA E 285 24.29 -6.44 21.03
CA ALA E 285 23.12 -6.47 21.91
C ALA E 285 21.86 -6.49 21.08
N TRP E 286 20.71 -6.33 21.73
CA TRP E 286 19.43 -6.31 21.01
C TRP E 286 19.19 -4.91 20.49
N SER E 287 18.33 -4.80 19.48
CA SER E 287 18.02 -3.50 18.88
C SER E 287 16.53 -3.31 18.71
N GLY E 288 16.17 -2.23 18.03
CA GLY E 288 14.77 -1.91 17.79
C GLY E 288 13.94 -3.02 17.18
N HIS E 289 14.55 -3.85 16.34
CA HIS E 289 13.82 -4.93 15.70
C HIS E 289 14.24 -6.31 16.19
N SER E 290 14.84 -6.35 17.38
CA SER E 290 15.30 -7.60 17.95
C SER E 290 14.10 -8.45 18.36
N ALA E 291 12.94 -7.80 18.51
CA ALA E 291 11.72 -8.51 18.90
C ALA E 291 10.99 -9.05 17.67
N ARG E 292 11.18 -8.38 16.53
CA ARG E 292 10.55 -8.78 15.28
C ARG E 292 11.22 -10.06 14.77
N VAL E 293 12.54 -9.99 14.62
CA VAL E 293 13.32 -11.14 14.15
C VAL E 293 13.06 -12.34 15.06
N GLY E 294 13.05 -12.08 16.37
CA GLY E 294 12.82 -13.15 17.33
C GLY E 294 11.44 -13.76 17.21
N ALA E 295 10.40 -12.93 17.28
CA ALA E 295 9.03 -13.42 17.17
C ALA E 295 8.85 -14.27 15.92
N ALA E 296 9.36 -13.79 14.80
CA ALA E 296 9.26 -14.51 13.53
C ALA E 296 9.84 -15.91 13.68
N ARG E 297 11.09 -15.98 14.12
CA ARG E 297 11.77 -17.26 14.31
C ARG E 297 10.94 -18.18 15.19
N ASP E 298 10.44 -17.62 16.30
CA ASP E 298 9.64 -18.39 17.23
C ASP E 298 8.39 -18.92 16.54
N MET E 299 7.85 -18.14 15.61
CA MET E 299 6.66 -18.54 14.88
C MET E 299 7.04 -19.64 13.89
N ALA E 300 8.21 -19.51 13.29
CA ALA E 300 8.69 -20.49 12.34
C ALA E 300 8.97 -21.80 13.05
N ARG E 301 9.53 -21.70 14.26
CA ARG E 301 9.87 -22.87 15.06
C ARG E 301 8.63 -23.71 15.32
N ALA E 302 7.58 -23.07 15.84
CA ALA E 302 6.34 -23.76 16.13
C ALA E 302 5.65 -24.16 14.84
N GLY E 303 6.34 -23.95 13.72
CA GLY E 303 5.78 -24.30 12.42
C GLY E 303 4.59 -23.43 12.06
N VAL E 304 4.85 -22.36 11.33
CA VAL E 304 3.81 -21.44 10.91
C VAL E 304 4.08 -20.97 9.49
N SER E 305 3.06 -21.07 8.64
CA SER E 305 3.17 -20.67 7.25
C SER E 305 3.90 -19.33 7.13
N ILE E 306 4.94 -19.30 6.31
CA ILE E 306 5.70 -18.08 6.11
C ILE E 306 4.76 -16.90 5.87
N PRO E 307 3.76 -17.08 5.01
CA PRO E 307 2.82 -15.98 4.75
C PRO E 307 2.19 -15.48 6.05
N GLU E 308 1.86 -16.42 6.93
CA GLU E 308 1.26 -16.09 8.21
C GLU E 308 2.22 -15.22 9.01
N ILE E 309 3.51 -15.52 8.91
CA ILE E 309 4.54 -14.78 9.61
C ILE E 309 4.73 -13.42 8.94
N MET E 310 4.43 -13.38 7.65
CA MET E 310 4.54 -12.15 6.88
C MET E 310 3.57 -11.13 7.47
N GLN E 311 2.33 -11.55 7.66
CA GLN E 311 1.29 -10.68 8.20
C GLN E 311 1.64 -10.17 9.59
N ALA E 312 1.80 -11.10 10.53
CA ALA E 312 2.13 -10.77 11.92
C ALA E 312 3.05 -9.56 12.04
N GLY E 313 4.05 -9.49 11.18
CA GLY E 313 4.97 -8.37 11.21
C GLY E 313 4.90 -7.47 9.99
N GLY E 314 3.68 -7.13 9.58
CA GLY E 314 3.48 -6.27 8.42
C GLY E 314 4.48 -6.47 7.29
N TRP E 315 5.01 -7.68 7.17
CA TRP E 315 5.97 -8.01 6.13
C TRP E 315 5.28 -8.29 4.80
N THR E 316 6.03 -8.09 3.71
CA THR E 316 5.51 -8.32 2.37
C THR E 316 6.68 -8.78 1.50
N ASN E 317 7.84 -8.94 2.12
CA ASN E 317 9.04 -9.38 1.43
C ASN E 317 9.50 -10.70 2.03
N VAL E 318 8.90 -11.79 1.55
CA VAL E 318 9.24 -13.13 2.03
C VAL E 318 10.73 -13.27 2.28
N ASN E 319 11.53 -12.71 1.38
CA ASN E 319 12.98 -12.76 1.49
C ASN E 319 13.46 -12.33 2.88
N ILE E 320 13.12 -11.09 3.25
CA ILE E 320 13.53 -10.55 4.54
C ILE E 320 13.17 -11.50 5.68
N VAL E 321 11.94 -11.96 5.68
CA VAL E 321 11.47 -12.88 6.72
C VAL E 321 12.26 -14.18 6.69
N MET E 322 12.75 -14.50 5.50
CA MET E 322 13.51 -15.73 5.30
C MET E 322 14.98 -15.51 5.70
N ASN E 323 15.28 -14.29 6.07
CA ASN E 323 16.65 -13.92 6.47
C ASN E 323 16.83 -14.08 7.98
N TYR E 324 15.71 -14.11 8.68
CA TYR E 324 15.71 -14.26 10.14
C TYR E 324 15.53 -15.72 10.53
N ILE E 325 14.76 -16.46 9.74
CA ILE E 325 14.49 -17.86 10.02
C ILE E 325 15.23 -18.87 9.14
N ARG E 326 16.12 -18.39 8.32
CA ARG E 326 16.86 -19.29 7.42
C ARG E 326 17.68 -20.34 8.21
N ASN E 327 18.48 -19.86 9.14
CA ASN E 327 19.36 -20.71 9.97
C ASN E 327 18.55 -21.44 11.08
N LEU E 328 17.23 -21.46 10.89
CA LEU E 328 16.22 -21.94 11.90
C LEU E 328 15.96 -23.47 12.03
N ASP E 329 16.73 -24.27 11.38
CA ASP E 329 16.58 -25.75 11.41
C ASP E 329 15.18 -26.32 11.19
N SER E 330 14.53 -25.84 10.19
CA SER E 330 13.23 -26.36 9.84
C SER E 330 12.96 -25.88 8.47
N GLU E 331 13.67 -24.81 8.30
CA GLU E 331 13.77 -24.08 7.08
C GLU E 331 15.09 -24.49 6.46
N THR E 332 15.39 -25.75 6.68
CA THR E 332 16.63 -26.37 6.20
C THR E 332 16.60 -26.56 4.69
N GLY E 333 15.49 -27.05 4.16
CA GLY E 333 15.38 -27.24 2.73
C GLY E 333 14.94 -28.62 2.28
N ALA E 334 14.71 -28.75 0.97
CA ALA E 334 14.28 -30.01 0.38
C ALA E 334 15.40 -31.04 0.41
N MET E 335 16.56 -30.68 -0.11
CA MET E 335 17.71 -31.58 -0.16
C MET E 335 17.91 -32.32 1.16
N VAL E 336 17.85 -31.59 2.27
CA VAL E 336 18.03 -32.19 3.59
C VAL E 336 16.94 -33.22 3.89
N ARG E 337 15.70 -32.87 3.58
CA ARG E 337 14.59 -33.78 3.83
C ARG E 337 14.75 -35.02 2.96
N LEU E 338 15.16 -34.81 1.73
CA LEU E 338 15.36 -35.89 0.78
C LEU E 338 16.43 -36.84 1.30
N LEU E 339 17.59 -36.28 1.63
CA LEU E 339 18.71 -37.07 2.15
C LEU E 339 18.41 -37.76 3.47
N GLU E 340 17.68 -37.08 4.36
CA GLU E 340 17.35 -37.64 5.66
C GLU E 340 16.09 -38.51 5.53
N ASP E 341 16.09 -39.35 4.50
CA ASP E 341 14.96 -40.24 4.24
C ASP E 341 13.72 -39.44 3.85
N THR F 19 8.74 23.81 -33.81
CA THR F 19 7.44 23.17 -33.62
C THR F 19 6.26 24.00 -33.56
N SER F 20 5.93 24.80 -34.49
CA SER F 20 4.74 25.49 -34.05
C SER F 20 3.53 25.01 -34.79
N ASP F 21 3.66 24.62 -36.01
CA ASP F 21 2.47 24.04 -36.61
C ASP F 21 2.52 22.50 -36.54
N GLU F 22 3.60 21.85 -36.78
CA GLU F 22 3.60 20.39 -36.37
C GLU F 22 2.60 20.02 -35.15
N VAL F 23 2.44 20.89 -34.10
CA VAL F 23 1.54 20.61 -32.91
C VAL F 23 0.08 20.47 -33.35
N ARG F 24 -0.31 21.38 -34.23
CA ARG F 24 -1.66 21.40 -34.80
C ARG F 24 -1.95 20.08 -35.52
N LYS F 25 -0.98 19.63 -36.31
CA LYS F 25 -1.14 18.37 -37.04
C LYS F 25 -1.23 17.21 -36.08
N ASN F 26 -0.37 17.22 -35.07
CA ASN F 26 -0.36 16.16 -34.07
C ASN F 26 -1.72 16.08 -33.39
N LEU F 27 -2.24 17.23 -33.00
CA LEU F 27 -3.54 17.28 -32.36
C LEU F 27 -4.61 16.81 -33.34
N MET F 28 -4.36 17.04 -34.62
CA MET F 28 -5.29 16.65 -35.66
C MET F 28 -5.29 15.15 -35.90
N ASP F 29 -4.11 14.53 -35.80
CA ASP F 29 -3.97 13.09 -35.99
C ASP F 29 -4.55 12.31 -34.82
N MET F 30 -4.49 12.93 -33.63
CA MET F 30 -5.02 12.31 -32.42
C MET F 30 -6.53 12.28 -32.49
N PHE F 31 -7.12 13.36 -33.00
CA PHE F 31 -8.56 13.45 -33.12
C PHE F 31 -9.08 12.54 -34.24
N ARG F 32 -8.34 12.49 -35.35
CA ARG F 32 -8.76 11.64 -36.46
C ARG F 32 -8.90 10.21 -35.99
N ASP F 33 -7.86 9.68 -35.36
CA ASP F 33 -7.89 8.32 -34.85
C ASP F 33 -8.25 8.31 -33.37
N ARG F 34 -9.20 9.16 -33.00
CA ARG F 34 -9.65 9.27 -31.63
C ARG F 34 -10.25 7.97 -31.11
N GLN F 35 -10.63 7.08 -32.03
CA GLN F 35 -11.21 5.81 -31.64
C GLN F 35 -10.13 4.92 -31.02
N ALA F 36 -8.90 5.41 -31.02
CA ALA F 36 -7.78 4.67 -30.46
C ALA F 36 -7.83 4.70 -28.94
N PHE F 37 -8.51 5.70 -28.39
CA PHE F 37 -8.63 5.84 -26.95
C PHE F 37 -10.07 5.58 -26.50
N SER F 38 -10.24 5.17 -25.25
CA SER F 38 -11.55 4.89 -24.71
C SER F 38 -12.37 6.18 -24.60
N GLU F 39 -13.69 6.06 -24.64
CA GLU F 39 -14.56 7.20 -24.53
C GLU F 39 -14.34 7.91 -23.19
N HIS F 40 -14.01 7.13 -22.17
CA HIS F 40 -13.78 7.66 -20.83
C HIS F 40 -12.50 8.48 -20.73
N THR F 41 -11.51 8.12 -21.54
CA THR F 41 -10.25 8.83 -21.54
C THR F 41 -10.52 10.23 -22.07
N TRP F 42 -11.26 10.30 -23.17
CA TRP F 42 -11.61 11.57 -23.79
C TRP F 42 -12.51 12.37 -22.88
N LYS F 43 -13.43 11.69 -22.22
CA LYS F 43 -14.35 12.34 -21.31
C LYS F 43 -13.58 13.04 -20.19
N MET F 44 -12.57 12.34 -19.67
CA MET F 44 -11.74 12.90 -18.60
C MET F 44 -10.83 14.00 -19.13
N LEU F 45 -10.31 13.78 -20.34
CA LEU F 45 -9.43 14.74 -20.98
C LEU F 45 -10.09 16.11 -21.04
N LEU F 46 -11.21 16.19 -21.75
CA LEU F 46 -11.94 17.43 -21.91
C LEU F 46 -12.40 17.98 -20.56
N SER F 47 -12.65 17.10 -19.61
CA SER F 47 -13.09 17.51 -18.29
C SER F 47 -11.95 18.24 -17.58
N VAL F 48 -10.79 17.60 -17.52
CA VAL F 48 -9.64 18.21 -16.87
C VAL F 48 -9.32 19.53 -17.56
N CYS F 49 -9.35 19.56 -18.88
CA CYS F 49 -9.04 20.78 -19.64
C CYS F 49 -10.01 21.91 -19.30
N ARG F 50 -11.22 21.56 -18.92
CA ARG F 50 -12.22 22.55 -18.56
C ARG F 50 -11.85 23.21 -17.24
N SER F 51 -11.53 22.38 -16.25
CA SER F 51 -11.13 22.88 -14.93
C SER F 51 -9.82 23.63 -14.99
N TRP F 52 -8.85 23.09 -15.73
CA TRP F 52 -7.54 23.72 -15.84
C TRP F 52 -7.69 25.05 -16.57
N ALA F 53 -8.41 25.07 -17.67
CA ALA F 53 -8.62 26.30 -18.43
C ALA F 53 -9.40 27.30 -17.59
N ALA F 54 -10.32 26.82 -16.77
CA ALA F 54 -11.11 27.69 -15.92
C ALA F 54 -10.21 28.41 -14.93
N TRP F 55 -9.33 27.66 -14.28
CA TRP F 55 -8.38 28.22 -13.32
C TRP F 55 -7.48 29.24 -14.01
N CYS F 56 -7.05 28.91 -15.22
CA CYS F 56 -6.20 29.80 -16.00
C CYS F 56 -6.92 31.12 -16.28
N LYS F 57 -8.18 31.02 -16.64
CA LYS F 57 -8.97 32.21 -16.94
C LYS F 57 -9.05 33.10 -15.69
N LEU F 58 -9.41 32.52 -14.55
CA LEU F 58 -9.52 33.26 -13.31
C LEU F 58 -8.21 33.89 -12.87
N ASN F 59 -7.11 33.50 -13.51
CA ASN F 59 -5.80 34.06 -13.15
C ASN F 59 -5.07 34.68 -14.34
N ASN F 60 -5.80 34.90 -15.43
CA ASN F 60 -5.25 35.49 -16.64
C ASN F 60 -3.92 34.82 -17.03
N ARG F 61 -4.02 33.56 -17.42
CA ARG F 61 -2.85 32.78 -17.84
C ARG F 61 -3.17 31.99 -19.12
N LYS F 62 -2.12 31.61 -19.82
CA LYS F 62 -2.25 30.79 -21.03
C LYS F 62 -2.69 29.41 -20.60
N TRP F 63 -3.66 28.86 -21.29
CA TRP F 63 -4.16 27.53 -20.93
C TRP F 63 -3.39 26.44 -21.68
N PHE F 64 -2.90 26.78 -22.86
CA PHE F 64 -2.12 25.83 -23.65
C PHE F 64 -1.18 26.55 -24.61
N PRO F 65 0.11 26.20 -24.61
CA PRO F 65 0.70 25.16 -23.74
C PRO F 65 0.74 25.63 -22.29
N ALA F 66 0.64 24.69 -21.37
CA ALA F 66 0.66 25.00 -19.94
C ALA F 66 2.06 25.34 -19.46
N GLU F 67 2.13 26.17 -18.41
CA GLU F 67 3.40 26.56 -17.82
C GLU F 67 3.60 25.76 -16.54
N PRO F 68 4.74 25.04 -16.41
CA PRO F 68 5.00 24.25 -15.22
C PRO F 68 4.68 24.96 -13.90
N GLU F 69 5.09 26.22 -13.78
CA GLU F 69 4.83 27.00 -12.58
C GLU F 69 3.32 27.16 -12.40
N ASP F 70 2.63 27.33 -13.53
CA ASP F 70 1.19 27.51 -13.50
C ASP F 70 0.50 26.20 -13.11
N VAL F 71 1.00 25.09 -13.63
CA VAL F 71 0.41 23.79 -13.33
C VAL F 71 0.62 23.48 -11.85
N ARG F 72 1.75 23.95 -11.30
CA ARG F 72 2.05 23.74 -9.89
C ARG F 72 1.00 24.46 -9.07
N ASP F 73 0.75 25.73 -9.40
CA ASP F 73 -0.24 26.51 -8.70
C ASP F 73 -1.61 25.84 -8.80
N TYR F 74 -1.86 25.21 -9.94
CA TYR F 74 -3.13 24.53 -10.17
C TYR F 74 -3.30 23.29 -9.31
N LEU F 75 -2.28 22.43 -9.28
CA LEU F 75 -2.35 21.21 -8.49
C LEU F 75 -2.53 21.54 -7.02
N LEU F 76 -1.86 22.60 -6.57
CA LEU F 76 -1.96 23.02 -5.19
C LEU F 76 -3.35 23.61 -4.93
N TYR F 77 -3.96 24.10 -5.99
CA TYR F 77 -5.31 24.67 -5.92
C TYR F 77 -6.31 23.54 -5.73
N LEU F 78 -6.06 22.42 -6.41
CA LEU F 78 -6.93 21.25 -6.30
C LEU F 78 -6.81 20.72 -4.88
N GLN F 79 -5.57 20.63 -4.41
CA GLN F 79 -5.31 20.14 -3.05
C GLN F 79 -6.12 20.97 -2.07
N ALA F 80 -6.06 22.29 -2.24
CA ALA F 80 -6.79 23.21 -1.38
C ALA F 80 -8.29 22.94 -1.45
N ARG F 81 -8.80 22.62 -2.64
CA ARG F 81 -10.21 22.35 -2.80
C ARG F 81 -10.61 21.08 -2.06
N GLY F 82 -9.60 20.35 -1.58
CA GLY F 82 -9.87 19.11 -0.86
C GLY F 82 -9.95 17.90 -1.75
N LEU F 83 -9.60 18.06 -3.02
CA LEU F 83 -9.63 16.94 -3.96
C LEU F 83 -8.73 15.82 -3.46
N ALA F 84 -9.06 14.58 -3.81
CA ALA F 84 -8.26 13.43 -3.41
C ALA F 84 -6.94 13.39 -4.17
N VAL F 85 -5.97 12.65 -3.66
CA VAL F 85 -4.69 12.56 -4.31
C VAL F 85 -4.77 11.87 -5.67
N LYS F 86 -5.63 10.86 -5.75
CA LYS F 86 -5.80 10.11 -7.00
C LYS F 86 -6.39 10.97 -8.12
N THR F 87 -7.21 11.94 -7.76
CA THR F 87 -7.82 12.80 -8.76
C THR F 87 -6.91 13.95 -9.16
N ILE F 88 -6.07 14.38 -8.24
CA ILE F 88 -5.13 15.45 -8.54
C ILE F 88 -4.17 14.89 -9.58
N GLN F 89 -3.83 13.61 -9.41
CA GLN F 89 -2.93 12.93 -10.32
C GLN F 89 -3.57 12.77 -11.69
N GLN F 90 -4.90 12.66 -11.71
CA GLN F 90 -5.63 12.51 -12.96
C GLN F 90 -5.51 13.82 -13.74
N HIS F 91 -5.74 14.93 -13.05
CA HIS F 91 -5.64 16.25 -13.66
C HIS F 91 -4.24 16.47 -14.23
N LEU F 92 -3.23 15.88 -13.58
CA LEU F 92 -1.86 16.00 -14.05
C LEU F 92 -1.65 15.04 -15.21
N GLY F 93 -2.29 13.88 -15.11
CA GLY F 93 -2.16 12.87 -16.15
C GLY F 93 -2.68 13.34 -17.49
N GLN F 94 -3.85 13.97 -17.50
CA GLN F 94 -4.43 14.45 -18.73
C GLN F 94 -3.58 15.57 -19.32
N LEU F 95 -3.09 16.45 -18.44
CA LEU F 95 -2.25 17.57 -18.87
C LEU F 95 -1.00 17.04 -19.55
N ASN F 96 -0.44 15.96 -19.01
CA ASN F 96 0.76 15.36 -19.55
C ASN F 96 0.50 14.75 -20.93
N MET F 97 -0.63 14.06 -21.06
CA MET F 97 -1.00 13.42 -22.31
C MET F 97 -1.21 14.44 -23.43
N LEU F 98 -1.99 15.47 -23.12
CA LEU F 98 -2.29 16.51 -24.10
C LEU F 98 -1.02 17.16 -24.62
N HIS F 99 0.03 17.17 -23.81
CA HIS F 99 1.27 17.78 -24.21
C HIS F 99 2.21 16.80 -24.90
N ARG F 100 2.19 15.54 -24.47
CA ARG F 100 3.04 14.53 -25.08
C ARG F 100 2.48 14.15 -26.44
N ARG F 101 1.18 13.89 -26.48
CA ARG F 101 0.51 13.53 -27.71
C ARG F 101 0.40 14.74 -28.62
N SER F 102 1.00 15.85 -28.22
CA SER F 102 0.97 17.05 -29.05
C SER F 102 2.38 17.42 -29.47
N GLY F 103 3.34 16.67 -28.99
CA GLY F 103 4.74 16.92 -29.34
C GLY F 103 5.48 17.84 -28.39
N LEU F 104 4.75 18.52 -27.52
CA LEU F 104 5.37 19.45 -26.56
C LEU F 104 5.82 18.73 -25.30
N PRO F 105 6.70 19.37 -24.51
CA PRO F 105 7.18 18.75 -23.27
C PRO F 105 6.07 18.71 -22.22
N ARG F 106 5.98 17.60 -21.50
CA ARG F 106 4.96 17.44 -20.48
C ARG F 106 5.28 18.26 -19.25
N PRO F 107 4.24 18.77 -18.56
CA PRO F 107 4.50 19.57 -17.37
C PRO F 107 5.30 18.79 -16.34
N SER F 108 5.03 17.49 -16.25
CA SER F 108 5.71 16.63 -15.30
C SER F 108 7.21 16.57 -15.56
N ASP F 109 7.61 17.05 -16.71
CA ASP F 109 9.03 17.07 -17.08
C ASP F 109 9.73 18.22 -16.36
N SER F 110 9.02 18.81 -15.42
CA SER F 110 9.53 19.95 -14.64
C SER F 110 9.62 19.59 -13.15
N ASN F 111 10.70 20.05 -12.54
CA ASN F 111 10.95 19.83 -11.12
C ASN F 111 9.79 20.37 -10.29
N ALA F 112 9.31 21.55 -10.68
CA ALA F 112 8.21 22.19 -9.97
C ALA F 112 7.00 21.28 -9.84
N VAL F 113 6.50 20.80 -10.98
CA VAL F 113 5.34 19.92 -11.00
C VAL F 113 5.64 18.57 -10.36
N SER F 114 6.72 17.94 -10.81
CA SER F 114 7.12 16.64 -10.31
C SER F 114 7.27 16.62 -8.80
N LEU F 115 7.85 17.68 -8.25
CA LEU F 115 8.06 17.78 -6.80
C LEU F 115 6.79 18.13 -6.04
N VAL F 116 5.99 19.04 -6.58
CA VAL F 116 4.75 19.42 -5.91
C VAL F 116 3.79 18.25 -5.82
N MET F 117 3.84 17.36 -6.81
CA MET F 117 2.96 16.21 -6.83
C MET F 117 3.37 15.22 -5.75
N ARG F 118 4.67 15.06 -5.56
CA ARG F 118 5.19 14.16 -4.52
C ARG F 118 4.83 14.75 -3.17
N ARG F 119 4.97 16.07 -3.04
CA ARG F 119 4.65 16.75 -1.80
C ARG F 119 3.19 16.56 -1.45
N ILE F 120 2.31 17.00 -2.33
CA ILE F 120 0.88 16.87 -2.11
C ILE F 120 0.53 15.45 -1.68
N ARG F 121 1.12 14.47 -2.36
CA ARG F 121 0.87 13.07 -2.02
C ARG F 121 1.22 12.83 -0.56
N LYS F 122 2.41 13.25 -0.16
CA LYS F 122 2.88 13.09 1.22
C LYS F 122 1.94 13.79 2.18
N GLU F 123 1.96 15.11 2.17
CA GLU F 123 1.12 15.91 3.05
C GLU F 123 -0.28 15.34 3.24
N ASN F 124 -0.94 15.01 2.14
CA ASN F 124 -2.28 14.46 2.21
C ASN F 124 -2.29 13.12 2.94
N VAL F 125 -1.45 12.23 2.48
CA VAL F 125 -1.35 10.88 3.06
C VAL F 125 -1.05 10.96 4.56
N ASP F 126 -0.02 11.71 4.89
CA ASP F 126 0.41 11.88 6.28
C ASP F 126 -0.73 12.51 7.10
N ALA F 127 -1.55 13.26 6.39
CA ALA F 127 -2.71 13.94 7.01
C ALA F 127 -3.78 12.91 7.35
N GLY F 128 -3.56 11.68 6.90
CA GLY F 128 -4.47 10.58 7.19
C GLY F 128 -5.19 10.05 5.96
N GLU F 129 -5.24 10.88 4.91
CA GLU F 129 -5.91 10.50 3.68
C GLU F 129 -5.52 9.11 3.20
N ARG F 130 -6.49 8.41 2.61
CA ARG F 130 -6.26 7.07 2.09
C ARG F 130 -7.30 6.74 1.03
N ALA F 131 -6.95 5.87 0.11
CA ALA F 131 -7.88 5.46 -0.95
C ALA F 131 -9.03 4.68 -0.33
N LYS F 132 -10.20 4.76 -0.96
CA LYS F 132 -11.37 4.04 -0.48
C LYS F 132 -11.68 2.91 -1.44
N GLN F 133 -12.42 1.91 -0.97
CA GLN F 133 -12.80 0.80 -1.81
C GLN F 133 -14.27 0.48 -1.61
N ALA F 134 -14.91 -0.03 -2.65
CA ALA F 134 -16.32 -0.35 -2.61
C ALA F 134 -16.73 -1.22 -1.43
N LEU F 135 -17.87 -0.88 -0.84
CA LEU F 135 -18.43 -1.63 0.27
C LEU F 135 -18.58 -3.06 -0.23
N ALA F 136 -18.02 -4.01 0.50
CA ALA F 136 -18.07 -5.41 0.11
C ALA F 136 -19.46 -6.04 0.05
N PHE F 137 -19.61 -6.98 -0.88
CA PHE F 137 -20.85 -7.72 -1.08
C PHE F 137 -20.42 -9.19 -1.11
N GLU F 138 -20.41 -9.81 0.06
CA GLU F 138 -19.97 -11.20 0.18
C GLU F 138 -21.08 -12.22 0.04
N ARG F 139 -20.74 -13.47 0.31
CA ARG F 139 -21.67 -14.58 0.22
C ARG F 139 -22.92 -14.36 1.05
N THR F 140 -22.73 -14.06 2.33
CA THR F 140 -23.85 -13.85 3.23
C THR F 140 -24.86 -12.87 2.61
N ASP F 141 -24.35 -11.78 2.04
CA ASP F 141 -25.20 -10.79 1.42
C ASP F 141 -25.99 -11.39 0.26
N PHE F 142 -25.29 -12.06 -0.63
CA PHE F 142 -25.92 -12.68 -1.79
C PHE F 142 -26.99 -13.67 -1.35
N ASP F 143 -26.63 -14.54 -0.40
CA ASP F 143 -27.56 -15.56 0.10
C ASP F 143 -28.77 -14.91 0.75
N GLN F 144 -28.57 -13.77 1.40
CA GLN F 144 -29.65 -13.06 2.07
C GLN F 144 -30.58 -12.39 1.06
N VAL F 145 -30.00 -11.67 0.11
CA VAL F 145 -30.80 -10.99 -0.92
C VAL F 145 -31.56 -12.03 -1.72
N ARG F 146 -30.90 -13.13 -2.05
CA ARG F 146 -31.53 -14.19 -2.81
C ARG F 146 -32.73 -14.74 -2.05
N SER F 147 -32.52 -15.05 -0.76
CA SER F 147 -33.58 -15.58 0.09
C SER F 147 -34.79 -14.66 0.17
N LEU F 148 -34.61 -13.41 -0.25
CA LEU F 148 -35.69 -12.43 -0.19
C LEU F 148 -36.34 -12.15 -1.55
N MET F 149 -35.56 -12.22 -2.63
CA MET F 149 -36.09 -11.94 -3.96
C MET F 149 -36.39 -13.18 -4.79
N GLU F 150 -35.86 -14.32 -4.38
CA GLU F 150 -36.10 -15.56 -5.11
C GLU F 150 -37.57 -15.92 -5.14
N ASN F 151 -38.33 -15.31 -4.24
CA ASN F 151 -39.76 -15.56 -4.14
C ASN F 151 -40.58 -14.62 -5.01
N SER F 152 -39.97 -13.53 -5.45
CA SER F 152 -40.66 -12.54 -6.29
C SER F 152 -40.83 -13.04 -7.72
N ASP F 153 -41.94 -12.66 -8.34
CA ASP F 153 -42.22 -13.07 -9.71
C ASP F 153 -42.05 -11.88 -10.64
N ARG F 154 -41.84 -10.71 -10.04
CA ARG F 154 -41.65 -9.48 -10.80
C ARG F 154 -40.43 -9.65 -11.71
N CYS F 155 -40.51 -9.12 -12.91
CA CYS F 155 -39.40 -9.23 -13.85
C CYS F 155 -38.19 -8.46 -13.33
N GLN F 156 -38.43 -7.29 -12.74
CA GLN F 156 -37.36 -6.46 -12.20
C GLN F 156 -36.61 -7.22 -11.13
N ASP F 157 -37.36 -7.90 -10.25
CA ASP F 157 -36.76 -8.67 -9.18
C ASP F 157 -36.01 -9.88 -9.72
N ILE F 158 -36.56 -10.50 -10.76
CA ILE F 158 -35.94 -11.66 -11.37
C ILE F 158 -34.64 -11.30 -12.08
N ARG F 159 -34.55 -10.06 -12.57
CA ARG F 159 -33.35 -9.62 -13.27
C ARG F 159 -32.26 -9.20 -12.30
N ASN F 160 -32.63 -8.38 -11.33
CA ASN F 160 -31.69 -7.90 -10.33
C ASN F 160 -31.04 -9.05 -9.58
N LEU F 161 -31.79 -10.10 -9.30
CA LEU F 161 -31.25 -11.25 -8.59
C LEU F 161 -30.29 -12.06 -9.45
N ALA F 162 -30.56 -12.14 -10.74
CA ALA F 162 -29.69 -12.89 -11.65
C ALA F 162 -28.42 -12.09 -11.89
N PHE F 163 -28.56 -10.78 -11.91
CA PHE F 163 -27.41 -9.90 -12.13
C PHE F 163 -26.44 -10.00 -10.95
N LEU F 164 -26.94 -9.82 -9.74
CA LEU F 164 -26.13 -9.91 -8.54
C LEU F 164 -25.45 -11.27 -8.45
N GLY F 165 -26.17 -12.32 -8.86
CA GLY F 165 -25.61 -13.65 -8.83
C GLY F 165 -24.45 -13.77 -9.79
N ILE F 166 -24.60 -13.15 -10.96
CA ILE F 166 -23.57 -13.18 -11.99
C ILE F 166 -22.38 -12.33 -11.52
N ALA F 167 -22.69 -11.19 -10.91
CA ALA F 167 -21.66 -10.29 -10.43
C ALA F 167 -20.77 -10.95 -9.38
N TYR F 168 -21.41 -11.62 -8.42
CA TYR F 168 -20.67 -12.29 -7.36
C TYR F 168 -19.88 -13.48 -7.90
N ASN F 169 -20.60 -14.41 -8.52
CA ASN F 169 -20.01 -15.61 -9.09
C ASN F 169 -18.86 -15.32 -10.06
N THR F 170 -19.07 -14.41 -10.99
CA THR F 170 -18.06 -14.09 -11.99
C THR F 170 -17.09 -12.97 -11.67
N LEU F 171 -17.39 -12.18 -10.64
CA LEU F 171 -16.53 -11.07 -10.25
C LEU F 171 -16.37 -10.04 -11.36
N LEU F 172 -17.11 -10.23 -12.45
CA LEU F 172 -17.03 -9.32 -13.58
C LEU F 172 -17.43 -7.89 -13.22
N LYS F 173 -16.85 -6.92 -13.93
CA LYS F 173 -17.16 -5.51 -13.72
C LYS F 173 -18.52 -5.24 -14.36
N ILE F 174 -19.15 -4.13 -13.99
CA ILE F 174 -20.47 -3.81 -14.52
C ILE F 174 -20.48 -3.58 -16.04
N ALA F 175 -19.42 -3.00 -16.58
CA ALA F 175 -19.35 -2.73 -18.01
C ALA F 175 -19.22 -4.03 -18.82
N GLU F 176 -18.58 -5.04 -18.26
CA GLU F 176 -18.42 -6.31 -18.95
C GLU F 176 -19.73 -7.08 -18.87
N ILE F 177 -20.36 -7.01 -17.70
CA ILE F 177 -21.63 -7.69 -17.48
C ILE F 177 -22.69 -7.10 -18.41
N ALA F 178 -22.59 -5.81 -18.67
CA ALA F 178 -23.55 -5.12 -19.53
C ALA F 178 -23.32 -5.40 -21.01
N ARG F 179 -22.16 -5.95 -21.34
CA ARG F 179 -21.83 -6.24 -22.73
C ARG F 179 -22.16 -7.66 -23.12
N ILE F 180 -22.45 -8.51 -22.14
CA ILE F 180 -22.77 -9.91 -22.40
C ILE F 180 -23.99 -10.04 -23.32
N ARG F 181 -23.81 -10.76 -24.43
CA ARG F 181 -24.89 -10.99 -25.38
C ARG F 181 -25.36 -12.42 -25.20
N VAL F 182 -26.61 -12.70 -25.56
CA VAL F 182 -27.17 -14.03 -25.42
C VAL F 182 -26.28 -15.08 -26.07
N LYS F 183 -25.80 -14.80 -27.28
CA LYS F 183 -24.94 -15.72 -28.02
C LYS F 183 -23.69 -16.09 -27.24
N ASP F 184 -23.26 -15.20 -26.34
CA ASP F 184 -22.07 -15.44 -25.54
C ASP F 184 -22.28 -16.56 -24.51
N ILE F 185 -23.51 -16.69 -24.02
CA ILE F 185 -23.84 -17.71 -23.03
C ILE F 185 -23.81 -19.10 -23.64
N SER F 186 -23.26 -20.06 -22.89
CA SER F 186 -23.18 -21.44 -23.35
C SER F 186 -23.37 -22.39 -22.16
N ARG F 187 -23.33 -23.70 -22.41
CA ARG F 187 -23.52 -24.67 -21.35
C ARG F 187 -22.30 -25.59 -21.23
N THR F 188 -22.28 -26.36 -20.14
CA THR F 188 -21.18 -27.29 -19.90
C THR F 188 -21.66 -28.72 -19.81
N ASP F 189 -20.74 -29.63 -19.48
CA ASP F 189 -21.06 -31.04 -19.34
C ASP F 189 -21.94 -31.26 -18.13
N GLY F 190 -21.82 -30.36 -17.15
CA GLY F 190 -22.61 -30.47 -15.94
C GLY F 190 -23.94 -29.74 -16.00
N GLY F 191 -24.06 -28.85 -16.98
CA GLY F 191 -25.31 -28.10 -17.13
C GLY F 191 -25.24 -26.65 -16.71
N ARG F 192 -24.08 -26.24 -16.19
CA ARG F 192 -23.91 -24.85 -15.75
C ARG F 192 -23.58 -23.96 -16.93
N MET F 193 -24.15 -22.75 -16.92
CA MET F 193 -23.92 -21.78 -17.97
C MET F 193 -22.46 -21.38 -18.03
N LEU F 194 -22.06 -20.77 -19.15
CA LEU F 194 -20.70 -20.32 -19.36
C LEU F 194 -20.71 -19.02 -20.14
N ILE F 195 -20.46 -17.90 -19.46
CA ILE F 195 -20.44 -16.61 -20.12
C ILE F 195 -19.06 -16.32 -20.71
N HIS F 196 -19.04 -16.01 -22.00
CA HIS F 196 -17.78 -15.70 -22.67
C HIS F 196 -17.57 -14.19 -22.70
N ILE F 197 -16.49 -13.74 -22.07
CA ILE F 197 -16.18 -12.32 -22.04
C ILE F 197 -15.28 -11.96 -23.22
N GLY F 198 -15.84 -11.20 -24.17
CA GLY F 198 -15.08 -10.83 -25.35
C GLY F 198 -14.55 -9.41 -25.29
N ARG F 199 -13.45 -9.25 -24.55
CA ARG F 199 -12.78 -7.96 -24.38
C ARG F 199 -11.82 -8.06 -23.20
N THR F 200 -10.55 -8.29 -23.50
CA THR F 200 -9.52 -8.40 -22.47
C THR F 200 -8.53 -7.25 -22.66
N LYS F 201 -7.99 -6.71 -21.57
CA LYS F 201 -7.05 -5.58 -21.67
C LYS F 201 -5.57 -5.98 -21.70
N THR F 202 -5.28 -7.26 -21.45
CA THR F 202 -3.89 -7.69 -21.53
C THR F 202 -3.89 -8.09 -23.01
N LEU F 203 -3.69 -7.09 -23.86
CA LEU F 203 -3.75 -7.35 -25.30
C LEU F 203 -2.73 -8.20 -26.05
N VAL F 204 -3.31 -9.16 -26.79
CA VAL F 204 -2.62 -10.12 -27.66
C VAL F 204 -3.80 -10.87 -28.29
N SER F 205 -4.04 -12.12 -27.91
CA SER F 205 -5.16 -12.87 -28.45
C SER F 205 -5.72 -13.86 -27.43
N THR F 206 -5.82 -13.42 -26.18
CA THR F 206 -6.37 -14.28 -25.15
C THR F 206 -7.85 -14.36 -25.48
N ALA F 207 -8.22 -15.43 -26.19
CA ALA F 207 -9.59 -15.67 -26.60
C ALA F 207 -10.61 -15.01 -25.70
N GLY F 208 -10.31 -14.98 -24.41
CA GLY F 208 -11.21 -14.38 -23.45
C GLY F 208 -11.50 -15.41 -22.38
N VAL F 209 -12.04 -14.97 -21.25
CA VAL F 209 -12.35 -15.89 -20.17
C VAL F 209 -13.75 -16.46 -20.34
N GLU F 210 -13.89 -17.74 -20.03
CA GLU F 210 -15.18 -18.40 -20.14
C GLU F 210 -15.72 -18.55 -18.73
N LYS F 211 -16.31 -17.48 -18.21
CA LYS F 211 -16.86 -17.47 -16.87
C LYS F 211 -17.93 -18.54 -16.71
N ALA F 212 -17.76 -19.38 -15.69
CA ALA F 212 -18.71 -20.46 -15.41
C ALA F 212 -19.58 -20.07 -14.22
N LEU F 213 -20.86 -20.40 -14.30
CA LEU F 213 -21.79 -20.08 -13.23
C LEU F 213 -22.15 -21.33 -12.44
N SER F 214 -22.56 -21.15 -11.20
CA SER F 214 -22.95 -22.26 -10.35
C SER F 214 -24.34 -22.70 -10.76
N LEU F 215 -24.68 -23.96 -10.50
CA LEU F 215 -25.99 -24.47 -10.87
C LEU F 215 -27.08 -23.56 -10.30
N GLY F 216 -26.92 -23.18 -9.03
CA GLY F 216 -27.90 -22.31 -8.41
C GLY F 216 -27.99 -20.96 -9.08
N VAL F 217 -26.83 -20.42 -9.47
CA VAL F 217 -26.80 -19.11 -10.12
C VAL F 217 -27.28 -19.20 -11.55
N THR F 218 -26.99 -20.31 -12.23
CA THR F 218 -27.42 -20.49 -13.61
C THR F 218 -28.95 -20.53 -13.61
N LYS F 219 -29.52 -21.12 -12.56
CA LYS F 219 -30.97 -21.22 -12.46
C LYS F 219 -31.55 -19.82 -12.41
N LEU F 220 -30.86 -18.93 -11.70
CA LEU F 220 -31.33 -17.55 -11.57
C LEU F 220 -31.34 -16.86 -12.94
N VAL F 221 -30.26 -17.03 -13.69
CA VAL F 221 -30.16 -16.42 -15.01
C VAL F 221 -31.18 -17.05 -15.94
N GLU F 222 -31.33 -18.37 -15.84
CA GLU F 222 -32.27 -19.09 -16.68
C GLU F 222 -33.69 -18.56 -16.48
N ARG F 223 -34.06 -18.32 -15.24
CA ARG F 223 -35.39 -17.81 -14.94
C ARG F 223 -35.61 -16.40 -15.50
N TRP F 224 -34.56 -15.59 -15.50
CA TRP F 224 -34.66 -14.23 -16.02
C TRP F 224 -34.81 -14.24 -17.54
N ILE F 225 -33.96 -15.00 -18.21
CA ILE F 225 -34.01 -15.10 -19.66
C ILE F 225 -35.45 -15.41 -20.07
N SER F 226 -36.03 -16.39 -19.40
CA SER F 226 -37.40 -16.82 -19.66
C SER F 226 -38.39 -15.65 -19.58
N VAL F 227 -38.58 -15.12 -18.38
CA VAL F 227 -39.50 -14.02 -18.16
C VAL F 227 -39.15 -12.74 -18.92
N SER F 228 -37.96 -12.69 -19.49
CA SER F 228 -37.54 -11.50 -20.23
C SER F 228 -37.61 -11.70 -21.73
N GLY F 229 -37.50 -12.95 -22.17
CA GLY F 229 -37.55 -13.23 -23.59
C GLY F 229 -36.47 -12.52 -24.38
N VAL F 230 -35.28 -12.42 -23.80
CA VAL F 230 -34.14 -11.77 -24.47
C VAL F 230 -33.54 -12.73 -25.48
N ALA F 231 -33.82 -14.01 -25.30
CA ALA F 231 -33.31 -15.05 -26.18
C ALA F 231 -34.00 -15.00 -27.54
N ASP F 232 -34.88 -14.03 -27.72
CA ASP F 232 -35.60 -13.86 -28.98
C ASP F 232 -34.60 -13.57 -30.09
N ASP F 233 -33.43 -13.09 -29.68
CA ASP F 233 -32.35 -12.75 -30.60
C ASP F 233 -31.03 -13.03 -29.90
N PRO F 234 -30.25 -14.01 -30.40
CA PRO F 234 -28.96 -14.34 -29.79
C PRO F 234 -27.94 -13.21 -29.84
N ASN F 235 -28.34 -12.08 -30.44
CA ASN F 235 -27.47 -10.91 -30.54
C ASN F 235 -27.94 -9.89 -29.51
N ASN F 236 -29.00 -10.24 -28.79
CA ASN F 236 -29.56 -9.39 -27.76
C ASN F 236 -28.64 -9.40 -26.56
N TYR F 237 -28.67 -8.32 -25.78
CA TYR F 237 -27.84 -8.24 -24.59
C TYR F 237 -28.51 -9.04 -23.47
N LEU F 238 -27.76 -9.89 -22.80
CA LEU F 238 -28.33 -10.69 -21.72
C LEU F 238 -29.22 -9.84 -20.81
N PHE F 239 -28.78 -8.64 -20.47
CA PHE F 239 -29.54 -7.75 -19.60
C PHE F 239 -30.10 -6.53 -20.33
N CYS F 240 -31.37 -6.25 -20.06
CA CYS F 240 -32.05 -5.11 -20.66
C CYS F 240 -32.89 -4.41 -19.60
N ARG F 241 -33.62 -3.38 -20.00
CA ARG F 241 -34.45 -2.67 -19.04
C ARG F 241 -35.83 -3.31 -18.91
N VAL F 242 -36.50 -3.00 -17.81
CA VAL F 242 -37.83 -3.52 -17.54
C VAL F 242 -38.66 -2.33 -17.07
N ARG F 243 -39.64 -1.95 -17.87
CA ARG F 243 -40.47 -0.81 -17.54
C ARG F 243 -41.42 -1.04 -16.37
N LYS F 244 -42.14 0.00 -15.98
CA LYS F 244 -43.08 -0.06 -14.87
C LYS F 244 -44.00 -1.27 -14.88
N ASN F 245 -44.57 -1.57 -16.05
CA ASN F 245 -45.49 -2.70 -16.16
C ASN F 245 -44.78 -4.05 -16.16
N GLY F 246 -43.55 -4.08 -15.69
CA GLY F 246 -42.80 -5.33 -15.65
C GLY F 246 -42.58 -5.95 -17.01
N VAL F 247 -42.54 -5.14 -18.05
CA VAL F 247 -42.32 -5.65 -19.41
C VAL F 247 -40.89 -5.40 -19.83
N ALA F 248 -40.19 -6.47 -20.15
CA ALA F 248 -38.80 -6.39 -20.59
C ALA F 248 -38.68 -5.66 -21.93
N ALA F 249 -37.53 -5.06 -22.17
CA ALA F 249 -37.28 -4.34 -23.41
C ALA F 249 -35.93 -4.75 -23.99
N PRO F 250 -35.81 -6.00 -24.46
CA PRO F 250 -34.56 -6.49 -25.04
C PRO F 250 -34.07 -5.64 -26.21
N SER F 251 -32.78 -5.77 -26.51
CA SER F 251 -32.18 -5.02 -27.61
C SER F 251 -30.80 -5.56 -27.92
N ALA F 252 -30.42 -5.52 -29.20
CA ALA F 252 -29.12 -5.99 -29.62
C ALA F 252 -28.22 -4.80 -29.93
N THR F 253 -28.80 -3.61 -29.90
CA THR F 253 -28.05 -2.39 -30.17
C THR F 253 -27.65 -1.70 -28.87
N SER F 254 -28.62 -1.15 -28.15
CA SER F 254 -28.35 -0.48 -26.89
C SER F 254 -28.33 -1.49 -25.75
N GLN F 255 -27.54 -1.19 -24.72
CA GLN F 255 -27.43 -2.09 -23.58
C GLN F 255 -27.74 -1.33 -22.29
N LEU F 256 -28.14 -2.07 -21.26
CA LEU F 256 -28.46 -1.47 -19.97
C LEU F 256 -27.28 -0.62 -19.52
N SER F 257 -27.56 0.63 -19.19
CA SER F 257 -26.52 1.54 -18.74
C SER F 257 -25.88 1.05 -17.46
N THR F 258 -24.57 1.23 -17.33
CA THR F 258 -23.86 0.80 -16.13
C THR F 258 -24.41 1.56 -14.94
N ARG F 259 -25.00 2.73 -15.20
CA ARG F 259 -25.58 3.53 -14.13
C ARG F 259 -26.76 2.76 -13.55
N ALA F 260 -27.40 1.95 -14.40
CA ALA F 260 -28.54 1.14 -14.03
C ALA F 260 -28.09 -0.05 -13.18
N LEU F 261 -26.96 -0.63 -13.55
CA LEU F 261 -26.42 -1.77 -12.82
C LEU F 261 -25.95 -1.33 -11.43
N GLU F 262 -25.35 -0.15 -11.35
CA GLU F 262 -24.88 0.38 -10.09
C GLU F 262 -26.11 0.63 -9.24
N GLY F 263 -27.20 1.02 -9.91
CA GLY F 263 -28.45 1.30 -9.23
C GLY F 263 -29.06 0.07 -8.59
N ILE F 264 -28.83 -1.09 -9.20
CA ILE F 264 -29.35 -2.33 -8.65
C ILE F 264 -28.65 -2.59 -7.33
N PHE F 265 -27.33 -2.38 -7.32
CA PHE F 265 -26.54 -2.59 -6.12
C PHE F 265 -26.98 -1.63 -5.02
N GLU F 266 -27.25 -0.39 -5.39
CA GLU F 266 -27.68 0.62 -4.43
C GLU F 266 -29.08 0.31 -3.89
N ALA F 267 -29.99 -0.09 -4.78
CA ALA F 267 -31.35 -0.40 -4.40
C ALA F 267 -31.44 -1.66 -3.53
N THR F 268 -30.69 -2.70 -3.92
CA THR F 268 -30.70 -3.94 -3.17
C THR F 268 -30.18 -3.72 -1.76
N HIS F 269 -29.40 -2.66 -1.59
CA HIS F 269 -28.83 -2.31 -0.30
C HIS F 269 -29.85 -1.53 0.53
N ARG F 270 -30.55 -0.60 -0.13
CA ARG F 270 -31.55 0.22 0.52
C ARG F 270 -32.75 -0.64 0.88
N LEU F 271 -32.94 -1.71 0.12
CA LEU F 271 -34.04 -2.64 0.33
C LEU F 271 -33.82 -3.46 1.59
N ILE F 272 -32.58 -3.47 2.08
CA ILE F 272 -32.24 -4.24 3.27
C ILE F 272 -31.79 -3.38 4.45
N TYR F 273 -31.20 -2.22 4.16
CA TYR F 273 -30.71 -1.36 5.22
C TYR F 273 -31.32 0.03 5.23
N GLY F 274 -32.21 0.29 4.28
CA GLY F 274 -32.85 1.59 4.22
C GLY F 274 -31.95 2.66 3.63
N ALA F 275 -32.44 3.89 3.64
CA ALA F 275 -31.71 5.02 3.08
C ALA F 275 -30.39 5.26 3.79
N LYS F 276 -29.38 5.70 3.04
CA LYS F 276 -28.06 5.99 3.59
C LYS F 276 -28.05 7.39 4.19
N ASP F 277 -27.25 7.59 5.23
CA ASP F 277 -27.16 8.89 5.88
C ASP F 277 -26.77 9.97 4.88
N ASP F 278 -27.07 11.22 5.22
CA ASP F 278 -26.76 12.34 4.35
C ASP F 278 -25.34 12.85 4.59
N SER F 279 -24.47 11.93 5.02
CA SER F 279 -23.07 12.28 5.28
C SER F 279 -22.37 12.71 3.99
N GLY F 280 -22.90 12.26 2.86
CA GLY F 280 -22.31 12.61 1.57
C GLY F 280 -21.17 11.68 1.19
N GLN F 281 -20.68 10.95 2.17
CA GLN F 281 -19.58 10.01 1.96
C GLN F 281 -19.84 9.03 0.82
N ARG F 282 -18.76 8.48 0.27
CA ARG F 282 -18.86 7.53 -0.82
C ARG F 282 -18.90 6.12 -0.25
N TYR F 283 -19.35 5.17 -1.06
CA TYR F 283 -19.44 3.78 -0.66
C TYR F 283 -20.26 3.55 0.61
N LEU F 284 -21.37 4.28 0.74
CA LEU F 284 -22.23 4.13 1.91
C LEU F 284 -23.18 2.95 1.62
N ALA F 285 -23.11 2.44 0.40
CA ALA F 285 -23.92 1.32 -0.03
C ALA F 285 -23.17 0.56 -1.12
N TRP F 286 -23.73 -0.53 -1.59
CA TRP F 286 -23.09 -1.33 -2.62
C TRP F 286 -23.05 -0.63 -3.97
N SER F 287 -21.88 -0.67 -4.60
CA SER F 287 -21.70 -0.05 -5.91
C SER F 287 -21.27 -1.12 -6.90
N GLY F 288 -21.01 -0.71 -8.14
CA GLY F 288 -20.61 -1.64 -9.18
C GLY F 288 -19.43 -2.55 -8.90
N HIS F 289 -18.66 -2.27 -7.85
CA HIS F 289 -17.49 -3.10 -7.53
C HIS F 289 -17.65 -3.91 -6.25
N SER F 290 -18.80 -3.79 -5.61
CA SER F 290 -19.07 -4.50 -4.37
C SER F 290 -18.85 -6.00 -4.42
N ALA F 291 -19.42 -6.66 -5.44
CA ALA F 291 -19.28 -8.10 -5.58
C ALA F 291 -17.83 -8.51 -5.82
N ARG F 292 -17.09 -7.65 -6.50
CA ARG F 292 -15.69 -7.92 -6.78
C ARG F 292 -14.87 -7.99 -5.50
N VAL F 293 -14.84 -6.89 -4.76
CA VAL F 293 -14.08 -6.84 -3.51
C VAL F 293 -14.64 -7.87 -2.52
N GLY F 294 -15.93 -8.13 -2.63
CA GLY F 294 -16.58 -9.09 -1.74
C GLY F 294 -16.26 -10.53 -2.06
N ALA F 295 -16.13 -10.85 -3.34
CA ALA F 295 -15.82 -12.21 -3.74
C ALA F 295 -14.36 -12.55 -3.44
N ALA F 296 -13.47 -11.56 -3.61
CA ALA F 296 -12.05 -11.75 -3.36
C ALA F 296 -11.79 -12.15 -1.91
N ARG F 297 -12.46 -11.47 -0.98
CA ARG F 297 -12.30 -11.75 0.44
C ARG F 297 -12.86 -13.13 0.78
N ASP F 298 -14.03 -13.44 0.23
CA ASP F 298 -14.67 -14.73 0.50
C ASP F 298 -13.78 -15.90 0.12
N MET F 299 -13.03 -15.74 -0.96
CA MET F 299 -12.12 -16.79 -1.42
C MET F 299 -10.91 -16.85 -0.51
N ALA F 300 -10.30 -15.69 -0.28
CA ALA F 300 -9.12 -15.60 0.58
C ALA F 300 -9.43 -16.19 1.96
N ARG F 301 -10.50 -15.69 2.57
CA ARG F 301 -10.92 -16.15 3.90
C ARG F 301 -11.17 -17.66 3.95
N ALA F 302 -11.45 -18.27 2.80
CA ALA F 302 -11.71 -19.70 2.74
C ALA F 302 -10.57 -20.45 2.08
N GLY F 303 -9.33 -20.05 2.39
CA GLY F 303 -8.18 -20.71 1.80
C GLY F 303 -7.93 -20.17 0.41
N VAL F 304 -8.27 -20.97 -0.60
CA VAL F 304 -8.10 -20.58 -2.00
C VAL F 304 -6.77 -19.90 -2.31
N SER F 305 -5.86 -20.63 -2.95
CA SER F 305 -4.56 -20.10 -3.31
C SER F 305 -4.72 -18.76 -4.03
N ILE F 306 -3.75 -17.87 -3.85
CA ILE F 306 -3.79 -16.56 -4.49
C ILE F 306 -3.92 -16.66 -6.01
N PRO F 307 -3.15 -17.57 -6.63
CA PRO F 307 -3.23 -17.72 -8.10
C PRO F 307 -4.65 -17.91 -8.62
N GLU F 308 -5.40 -18.78 -7.96
CA GLU F 308 -6.78 -19.05 -8.37
C GLU F 308 -7.61 -17.78 -8.24
N ILE F 309 -7.34 -17.00 -7.20
CA ILE F 309 -8.05 -15.76 -6.98
C ILE F 309 -7.81 -14.84 -8.17
N MET F 310 -6.55 -14.70 -8.56
CA MET F 310 -6.19 -13.87 -9.69
C MET F 310 -7.05 -14.28 -10.88
N GLN F 311 -7.03 -15.57 -11.17
CA GLN F 311 -7.80 -16.11 -12.27
C GLN F 311 -9.27 -15.70 -12.19
N ALA F 312 -9.88 -15.95 -11.04
CA ALA F 312 -11.28 -15.62 -10.81
C ALA F 312 -11.63 -14.18 -11.13
N GLY F 313 -10.86 -13.25 -10.58
CA GLY F 313 -11.14 -11.84 -10.82
C GLY F 313 -10.49 -11.31 -12.08
N GLY F 314 -9.73 -12.17 -12.76
CA GLY F 314 -9.05 -11.75 -13.98
C GLY F 314 -7.88 -10.83 -13.72
N TRP F 315 -7.29 -10.95 -12.54
CA TRP F 315 -6.15 -10.12 -12.18
C TRP F 315 -4.85 -10.73 -12.68
N THR F 316 -3.90 -9.88 -13.07
CA THR F 316 -2.62 -10.35 -13.56
C THR F 316 -1.51 -9.94 -12.60
N ASN F 317 -1.89 -9.31 -11.50
CA ASN F 317 -0.92 -8.85 -10.50
C ASN F 317 -1.22 -9.40 -9.10
N VAL F 318 -0.85 -8.63 -8.07
CA VAL F 318 -1.08 -9.08 -6.71
C VAL F 318 -1.53 -8.00 -5.73
N ASN F 319 -1.15 -6.76 -5.98
CA ASN F 319 -1.51 -5.67 -5.08
C ASN F 319 -3.02 -5.62 -4.77
N ILE F 320 -3.81 -5.38 -5.79
CA ILE F 320 -5.27 -5.20 -5.64
C ILE F 320 -5.93 -6.35 -4.85
N VAL F 321 -5.63 -7.59 -5.21
CA VAL F 321 -6.26 -8.75 -4.53
C VAL F 321 -5.99 -8.70 -3.02
N MET F 322 -4.74 -8.44 -2.68
CA MET F 322 -4.32 -8.36 -1.28
C MET F 322 -5.07 -7.22 -0.56
N ASN F 323 -5.00 -6.07 -1.18
CA ASN F 323 -5.61 -4.84 -0.66
C ASN F 323 -7.07 -5.05 -0.24
N TYR F 324 -7.80 -5.85 -1.00
CA TYR F 324 -9.20 -6.13 -0.71
C TYR F 324 -9.39 -6.96 0.55
N ILE F 325 -8.36 -7.71 0.94
CA ILE F 325 -8.43 -8.55 2.13
C ILE F 325 -7.90 -7.84 3.39
N ARG F 326 -6.59 -7.91 3.56
CA ARG F 326 -5.88 -7.33 4.72
C ARG F 326 -6.85 -6.72 5.75
N ASN F 327 -7.46 -7.59 6.54
CA ASN F 327 -8.37 -7.14 7.60
C ASN F 327 -9.02 -8.28 8.34
N LEU F 328 -8.92 -9.45 7.78
CA LEU F 328 -9.61 -10.58 8.37
C LEU F 328 -8.78 -11.29 9.37
N ASP F 329 -8.12 -12.28 8.87
CA ASP F 329 -7.32 -13.08 9.71
C ASP F 329 -6.02 -12.43 9.91
N SER F 330 -6.16 -11.33 10.52
CA SER F 330 -5.03 -10.59 10.93
C SER F 330 -4.63 -11.22 12.25
N GLU F 331 -5.33 -10.78 13.26
CA GLU F 331 -5.10 -11.21 14.64
C GLU F 331 -5.67 -12.62 14.87
N THR F 332 -6.00 -12.84 16.13
CA THR F 332 -6.56 -14.10 16.62
C THR F 332 -5.49 -15.19 16.61
N GLY F 333 -5.23 -15.76 17.79
CA GLY F 333 -4.22 -16.80 17.91
C GLY F 333 -2.83 -16.29 17.57
N ALA F 334 -2.27 -16.79 16.48
CA ALA F 334 -0.95 -16.39 16.03
C ALA F 334 0.06 -16.33 17.17
N MET F 335 0.62 -15.16 17.42
CA MET F 335 1.60 -14.97 18.49
C MET F 335 0.97 -15.20 19.86
N VAL F 336 -0.24 -14.67 20.04
CA VAL F 336 -0.95 -14.81 21.31
C VAL F 336 -1.02 -16.27 21.72
N ARG F 337 -1.66 -17.09 20.90
CA ARG F 337 -1.80 -18.52 21.18
C ARG F 337 -0.45 -19.15 21.47
N LEU F 338 0.60 -18.61 20.87
CA LEU F 338 1.95 -19.12 21.07
C LEU F 338 2.50 -18.67 22.43
N LEU F 339 2.20 -17.44 22.81
CA LEU F 339 2.68 -16.88 24.06
C LEU F 339 2.01 -17.56 25.25
N GLU F 340 0.70 -17.73 25.17
CA GLU F 340 -0.06 -18.37 26.24
C GLU F 340 0.54 -19.73 26.58
N ASP F 341 0.07 -20.77 25.90
CA ASP F 341 0.57 -22.12 26.13
C ASP F 341 1.22 -22.68 24.87
#